data_2ABZ
#
_entry.id   2ABZ
#
_cell.length_a   124.930
_cell.length_b   124.930
_cell.length_c   154.980
_cell.angle_alpha   90.00
_cell.angle_beta   90.00
_cell.angle_gamma   90.00
#
_symmetry.space_group_name_H-M   'P 43 21 2'
#
loop_
_entity.id
_entity.type
_entity.pdbx_description
1 polymer 'Carboxypeptidase A1'
2 polymer 'Metallocarboxypeptidase inhibitor'
3 non-polymer 'ZINC ION'
#
loop_
_entity_poly.entity_id
_entity_poly.type
_entity_poly.pdbx_seq_one_letter_code
_entity_poly.pdbx_strand_id
1 'polypeptide(L)'
;ARSTNTFNYATYHTLDEIYDFMDLLVAEHPQLVSKLQIGRSYEGRPIYVLKFSTGGSNRPAIWIDLGIHSREWITQATGV
WFAKKFTEDYGQDPSFTAILDSMDIFLEIVTNPDGFAFTHSQNRLWRKTRSVTSSSLCVGVDANRNWDAGFGKAGASSSP
CSETYHGKYANSEVEVKSIVDFVKDHGNFKAFLSIHSYSQLLLYPYGYTTQSIPDKTELNQVAKSAVAALKSLYGTSYKY
GSIITTIYQASGGSIDWSYNQGIKYSFTFELRDTGRYGFLLPASQIIPTAQETWLGVLTIMEHTVNNLY
;
A,B
2 'polypeptide(L)' GSHTPDESFLCYQPDQVCAFICRGAAPLPSEGECNPHPTAPWAREGAVEWVPYSTGQCRTTCIPYVE C,D,E,F
#
# COMPACT_ATOMS: atom_id res chain seq x y z
N THR A 4 5.26 -31.23 -11.82
CA THR A 4 5.14 -29.95 -11.09
C THR A 4 6.09 -28.89 -11.65
N ASN A 5 7.00 -29.31 -12.55
CA ASN A 5 7.86 -28.39 -13.29
C ASN A 5 7.11 -27.70 -14.43
N THR A 6 6.18 -28.43 -15.04
CA THR A 6 5.34 -27.87 -16.11
C THR A 6 4.04 -27.23 -15.59
N PHE A 7 3.78 -27.39 -14.29
CA PHE A 7 2.62 -26.80 -13.61
C PHE A 7 2.69 -25.27 -13.67
N ASN A 8 1.56 -24.61 -13.94
CA ASN A 8 1.53 -23.15 -14.00
C ASN A 8 1.22 -22.50 -12.65
N TYR A 9 2.26 -22.00 -11.99
CA TYR A 9 2.14 -21.37 -10.67
C TYR A 9 1.62 -19.92 -10.72
N ALA A 10 1.59 -19.32 -11.91
CA ALA A 10 1.14 -17.93 -12.11
C ALA A 10 -0.35 -17.86 -12.48
N THR A 11 -1.10 -18.86 -12.07
CA THR A 11 -2.52 -18.98 -12.40
C THR A 11 -3.28 -19.58 -11.24
N TYR A 12 -4.52 -19.15 -11.09
CA TYR A 12 -5.42 -19.67 -10.06
C TYR A 12 -5.97 -21.02 -10.45
N HIS A 13 -5.94 -21.96 -9.50
CA HIS A 13 -6.37 -23.33 -9.75
C HIS A 13 -7.67 -23.71 -9.06
N THR A 14 -8.35 -24.72 -9.59
CA THR A 14 -9.53 -25.29 -8.97
C THR A 14 -9.03 -26.26 -7.92
N LEU A 15 -9.93 -26.85 -7.13
CA LEU A 15 -9.53 -27.74 -6.04
C LEU A 15 -8.96 -29.07 -6.53
N ASP A 16 -9.44 -29.52 -7.68
CA ASP A 16 -9.00 -30.77 -8.29
C ASP A 16 -7.58 -30.61 -8.82
N GLU A 17 -7.30 -29.45 -9.41
CA GLU A 17 -5.96 -29.14 -9.89
C GLU A 17 -4.94 -29.15 -8.76
N ILE A 18 -5.28 -28.48 -7.65
CA ILE A 18 -4.43 -28.41 -6.46
C ILE A 18 -4.23 -29.78 -5.82
N TYR A 19 -5.28 -30.60 -5.81
CA TYR A 19 -5.21 -31.92 -5.18
C TYR A 19 -4.39 -32.86 -6.06
N ASP A 20 -4.57 -32.79 -7.37
CA ASP A 20 -3.71 -33.53 -8.31
C ASP A 20 -2.26 -33.09 -8.15
N PHE A 21 -2.03 -31.78 -8.11
CA PHE A 21 -0.70 -31.21 -7.86
C PHE A 21 0.00 -31.87 -6.68
N MET A 22 -0.73 -32.03 -5.58
CA MET A 22 -0.20 -32.64 -4.36
C MET A 22 0.27 -34.07 -4.58
N ASP A 23 -0.45 -34.82 -5.42
CA ASP A 23 -0.09 -36.21 -5.75
C ASP A 23 1.18 -36.25 -6.60
N LEU A 24 1.25 -35.34 -7.58
CA LEU A 24 2.45 -35.15 -8.40
C LEU A 24 3.67 -34.86 -7.54
N LEU A 25 3.54 -33.91 -6.62
CA LEU A 25 4.64 -33.55 -5.74
C LEU A 25 5.09 -34.69 -4.84
N VAL A 26 4.14 -35.48 -4.32
CA VAL A 26 4.47 -36.66 -3.51
C VAL A 26 5.19 -37.72 -4.35
N ALA A 27 4.72 -37.92 -5.58
CA ALA A 27 5.34 -38.87 -6.52
C ALA A 27 6.80 -38.50 -6.80
N GLU A 28 7.06 -37.21 -7.04
CA GLU A 28 8.38 -36.71 -7.37
C GLU A 28 9.32 -36.66 -6.18
N HIS A 29 8.77 -36.47 -4.98
CA HIS A 29 9.58 -36.32 -3.76
C HIS A 29 9.12 -37.23 -2.62
N PRO A 30 9.16 -38.57 -2.84
CA PRO A 30 8.57 -39.49 -1.87
C PRO A 30 9.27 -39.52 -0.51
N GLN A 31 10.56 -39.22 -0.48
CA GLN A 31 11.32 -39.27 0.78
C GLN A 31 11.22 -37.96 1.58
N LEU A 32 10.70 -36.91 0.92
CA LEU A 32 10.55 -35.59 1.57
C LEU A 32 9.09 -35.24 1.93
N VAL A 33 8.19 -35.42 0.97
CA VAL A 33 6.78 -35.04 1.17
C VAL A 33 5.78 -36.22 1.12
N SER A 34 4.87 -36.23 2.09
CA SER A 34 3.77 -37.18 2.13
C SER A 34 2.43 -36.44 2.26
N LYS A 35 1.38 -37.02 1.70
CA LYS A 35 0.05 -36.40 1.72
C LYS A 35 -0.83 -37.06 2.79
N LEU A 36 -1.11 -36.31 3.85
CA LEU A 36 -1.93 -36.78 4.96
C LEU A 36 -3.37 -36.29 4.81
N GLN A 37 -4.34 -37.17 5.08
CA GLN A 37 -5.75 -36.78 5.07
C GLN A 37 -6.24 -36.67 6.48
N ILE A 38 -6.60 -35.46 6.88
CA ILE A 38 -6.89 -35.22 8.30
C ILE A 38 -8.40 -35.21 8.60
N GLY A 39 -9.21 -35.29 7.57
CA GLY A 39 -10.64 -35.36 7.74
C GLY A 39 -11.37 -35.14 6.44
N ARG A 40 -12.69 -35.16 6.50
CA ARG A 40 -13.52 -34.84 5.35
C ARG A 40 -14.35 -33.63 5.66
N SER A 41 -14.51 -32.76 4.67
CA SER A 41 -15.25 -31.51 4.84
C SER A 41 -16.74 -31.81 5.03
N TYR A 42 -17.52 -30.76 5.29
CA TYR A 42 -18.95 -30.92 5.49
C TYR A 42 -19.56 -31.60 4.28
N GLU A 43 -19.11 -31.21 3.09
CA GLU A 43 -19.65 -31.76 1.85
C GLU A 43 -18.85 -32.97 1.34
N GLY A 44 -18.00 -33.54 2.20
CA GLY A 44 -17.35 -34.81 1.94
C GLY A 44 -16.03 -34.76 1.20
N ARG A 45 -15.53 -33.55 0.97
CA ARG A 45 -14.24 -33.39 0.33
C ARG A 45 -13.10 -33.76 1.27
N PRO A 46 -12.09 -34.48 0.76
CA PRO A 46 -10.98 -34.77 1.66
C PRO A 46 -10.22 -33.48 2.06
N ILE A 47 -9.75 -33.46 3.31
CA ILE A 47 -8.97 -32.35 3.84
C ILE A 47 -7.52 -32.80 3.90
N TYR A 48 -6.67 -32.20 3.07
CA TYR A 48 -5.27 -32.64 2.92
C TYR A 48 -4.25 -31.73 3.54
N VAL A 49 -3.28 -32.35 4.23
CA VAL A 49 -2.11 -31.67 4.76
C VAL A 49 -0.86 -32.28 4.10
N LEU A 50 0.03 -31.43 3.60
CA LEU A 50 1.32 -31.91 3.11
C LEU A 50 2.37 -31.93 4.22
N LYS A 51 2.94 -33.10 4.45
CA LYS A 51 3.99 -33.26 5.46
C LYS A 51 5.34 -33.18 4.75
N PHE A 52 6.19 -32.27 5.20
CA PHE A 52 7.57 -32.14 4.70
C PHE A 52 8.49 -32.56 5.83
N SER A 53 9.26 -33.62 5.61
CA SER A 53 10.05 -34.23 6.67
C SER A 53 11.26 -34.97 6.11
N THR A 54 12.34 -34.98 6.89
CA THR A 54 13.54 -35.75 6.54
C THR A 54 13.76 -36.91 7.54
N GLY A 55 12.71 -37.24 8.28
CA GLY A 55 12.74 -38.34 9.22
C GLY A 55 12.43 -37.92 10.63
N GLY A 56 13.01 -38.64 11.58
CA GLY A 56 12.73 -38.44 12.99
C GLY A 56 11.38 -39.01 13.36
N SER A 57 11.03 -38.92 14.64
CA SER A 57 9.71 -39.27 15.11
C SER A 57 9.22 -38.11 15.97
N ASN A 58 8.00 -37.63 15.68
CA ASN A 58 7.42 -36.50 16.41
C ASN A 58 8.36 -35.27 16.48
N ARG A 59 9.08 -35.00 15.38
CA ARG A 59 10.01 -33.86 15.33
C ARG A 59 9.27 -32.56 15.61
N PRO A 60 9.94 -31.57 16.23
CA PRO A 60 9.32 -30.26 16.43
C PRO A 60 8.80 -29.72 15.09
N ALA A 61 7.56 -29.21 15.08
CA ALA A 61 6.87 -28.98 13.82
C ALA A 61 6.38 -27.55 13.61
N ILE A 62 6.29 -27.17 12.34
CA ILE A 62 5.71 -25.92 11.91
C ILE A 62 4.41 -26.20 11.16
N TRP A 63 3.33 -25.57 11.61
CA TRP A 63 2.04 -25.66 10.95
C TRP A 63 1.77 -24.40 10.13
N ILE A 64 1.43 -24.60 8.85
CA ILE A 64 0.99 -23.49 7.98
C ILE A 64 -0.35 -23.81 7.33
N ASP A 65 -1.35 -22.95 7.57
CA ASP A 65 -2.66 -23.10 6.94
C ASP A 65 -3.04 -21.90 6.10
N LEU A 66 -3.58 -22.21 4.92
CA LEU A 66 -3.99 -21.23 3.91
C LEU A 66 -5.44 -21.54 3.49
N GLY A 67 -6.15 -20.54 2.96
CA GLY A 67 -7.51 -20.73 2.47
C GLY A 67 -8.54 -21.23 3.49
N ILE A 68 -8.44 -20.76 4.73
CA ILE A 68 -9.50 -20.99 5.71
C ILE A 68 -10.75 -20.19 5.33
N HIS A 69 -10.51 -19.04 4.72
CA HIS A 69 -11.54 -18.19 4.14
C HIS A 69 -11.44 -18.29 2.63
N SER A 70 -12.47 -18.89 2.03
CA SER A 70 -12.33 -19.45 0.68
C SER A 70 -12.02 -18.43 -0.40
N ARG A 71 -12.58 -17.22 -0.30
CA ARG A 71 -12.39 -16.17 -1.30
C ARG A 71 -10.97 -15.60 -1.34
N GLU A 72 -10.16 -15.94 -0.36
CA GLU A 72 -8.81 -15.39 -0.28
C GLU A 72 -7.86 -16.25 -1.13
N TRP A 73 -8.11 -16.21 -2.43
CA TRP A 73 -7.45 -17.07 -3.44
C TRP A 73 -5.92 -16.95 -3.51
N ILE A 74 -5.40 -15.76 -3.22
CA ILE A 74 -3.96 -15.58 -3.18
C ILE A 74 -3.32 -16.58 -2.22
N THR A 75 -4.04 -16.91 -1.14
CA THR A 75 -3.51 -17.79 -0.12
C THR A 75 -3.36 -19.25 -0.59
N GLN A 76 -4.35 -19.77 -1.32
CA GLN A 76 -4.26 -21.17 -1.76
C GLN A 76 -3.17 -21.28 -2.82
N ALA A 77 -3.15 -20.29 -3.72
CA ALA A 77 -2.12 -20.15 -4.75
C ALA A 77 -0.69 -20.02 -4.18
N THR A 78 -0.51 -19.18 -3.17
CA THR A 78 0.74 -19.09 -2.42
C THR A 78 1.13 -20.43 -1.76
N GLY A 79 0.13 -21.19 -1.31
CA GLY A 79 0.39 -22.45 -0.61
C GLY A 79 0.89 -23.48 -1.61
N VAL A 80 0.37 -23.41 -2.83
CA VAL A 80 0.80 -24.31 -3.91
C VAL A 80 2.26 -24.03 -4.26
N TRP A 81 2.60 -22.74 -4.40
CA TRP A 81 3.97 -22.30 -4.70
C TRP A 81 4.91 -22.67 -3.56
N PHE A 82 4.50 -22.43 -2.32
CA PHE A 82 5.27 -22.85 -1.13
C PHE A 82 5.65 -24.32 -1.21
N ALA A 83 4.68 -25.18 -1.54
CA ALA A 83 4.91 -26.63 -1.58
C ALA A 83 6.05 -26.98 -2.53
N LYS A 84 5.99 -26.45 -3.75
CA LYS A 84 7.05 -26.61 -4.74
C LYS A 84 8.38 -26.03 -4.24
N LYS A 85 8.35 -24.77 -3.82
CA LYS A 85 9.51 -24.12 -3.21
C LYS A 85 10.23 -24.97 -2.16
N PHE A 86 9.48 -25.57 -1.24
CA PHE A 86 10.08 -26.43 -0.21
C PHE A 86 10.93 -27.54 -0.83
N THR A 87 10.42 -28.15 -1.91
CA THR A 87 11.11 -29.24 -2.58
C THR A 87 12.28 -28.73 -3.45
N GLU A 88 12.18 -27.50 -3.96
CA GLU A 88 13.25 -26.85 -4.72
C GLU A 88 14.44 -26.45 -3.83
N ASP A 89 14.12 -26.00 -2.61
CA ASP A 89 15.11 -25.40 -1.72
C ASP A 89 15.74 -26.32 -0.70
N TYR A 90 15.12 -27.47 -0.44
CA TYR A 90 15.73 -28.42 0.48
C TYR A 90 16.99 -29.02 -0.17
N GLY A 91 18.09 -28.98 0.57
CA GLY A 91 19.39 -29.44 0.05
C GLY A 91 20.10 -28.43 -0.85
N GLN A 92 19.53 -27.23 -0.99
CA GLN A 92 20.15 -26.14 -1.73
C GLN A 92 20.35 -24.93 -0.84
N ASP A 93 19.26 -24.41 -0.29
CA ASP A 93 19.37 -23.31 0.68
C ASP A 93 19.81 -23.87 2.02
N PRO A 94 20.99 -23.42 2.52
CA PRO A 94 21.49 -23.94 3.80
C PRO A 94 20.56 -23.69 4.99
N SER A 95 19.95 -22.51 5.06
CA SER A 95 19.08 -22.19 6.19
C SER A 95 17.82 -23.07 6.23
N PHE A 96 17.12 -23.15 5.09
CA PHE A 96 15.93 -23.98 4.97
C PHE A 96 16.25 -25.47 5.12
N THR A 97 17.39 -25.90 4.57
CA THR A 97 17.86 -27.28 4.79
C THR A 97 18.06 -27.57 6.28
N ALA A 98 18.64 -26.63 7.03
CA ALA A 98 18.85 -26.79 8.46
C ALA A 98 17.52 -26.92 9.20
N ILE A 99 16.54 -26.10 8.80
CA ILE A 99 15.17 -26.16 9.34
C ILE A 99 14.57 -27.55 9.17
N LEU A 100 14.58 -28.07 7.95
CA LEU A 100 13.94 -29.34 7.62
C LEU A 100 14.71 -30.58 8.11
N ASP A 101 15.99 -30.41 8.44
CA ASP A 101 16.77 -31.49 9.04
C ASP A 101 16.44 -31.61 10.54
N SER A 102 15.96 -30.52 11.15
CA SER A 102 15.61 -30.51 12.57
C SER A 102 14.10 -30.53 12.87
N MET A 103 13.31 -30.14 11.87
CA MET A 103 11.88 -29.86 12.04
C MET A 103 11.08 -30.43 10.88
N ASP A 104 9.81 -30.71 11.16
CA ASP A 104 8.83 -31.05 10.14
C ASP A 104 7.96 -29.84 9.80
N ILE A 105 7.54 -29.74 8.54
CA ILE A 105 6.58 -28.70 8.14
C ILE A 105 5.25 -29.33 7.66
N PHE A 106 4.16 -28.88 8.26
CA PHE A 106 2.84 -29.30 7.85
C PHE A 106 2.11 -28.16 7.17
N LEU A 107 1.82 -28.37 5.88
CA LEU A 107 1.22 -27.34 5.05
C LEU A 107 -0.19 -27.78 4.61
N GLU A 108 -1.20 -27.06 5.09
CA GLU A 108 -2.57 -27.23 4.59
C GLU A 108 -2.94 -26.10 3.64
N ILE A 109 -2.91 -26.41 2.34
CA ILE A 109 -3.11 -25.45 1.26
C ILE A 109 -4.56 -24.98 1.16
N VAL A 110 -5.51 -25.91 1.33
CA VAL A 110 -6.93 -25.54 1.22
C VAL A 110 -7.66 -25.96 2.49
N THR A 111 -7.66 -25.09 3.49
CA THR A 111 -8.23 -25.40 4.81
C THR A 111 -9.77 -25.52 4.78
N ASN A 112 -10.39 -24.84 3.81
CA ASN A 112 -11.84 -24.79 3.63
C ASN A 112 -12.20 -25.18 2.18
N PRO A 113 -12.13 -26.48 1.85
CA PRO A 113 -12.42 -26.94 0.50
C PRO A 113 -13.85 -26.74 -0.01
N ASP A 114 -14.86 -26.80 0.87
CA ASP A 114 -16.25 -26.61 0.41
C ASP A 114 -16.44 -25.18 -0.04
N GLY A 115 -16.01 -24.23 0.77
CA GLY A 115 -16.05 -22.83 0.40
C GLY A 115 -15.27 -22.56 -0.86
N PHE A 116 -14.14 -23.25 -1.02
CA PHE A 116 -13.26 -23.05 -2.16
C PHE A 116 -13.95 -23.53 -3.43
N ALA A 117 -14.55 -24.72 -3.36
CA ALA A 117 -15.42 -25.21 -4.41
C ALA A 117 -16.50 -24.19 -4.77
N PHE A 118 -17.14 -23.61 -3.75
CA PHE A 118 -18.20 -22.61 -3.95
C PHE A 118 -17.72 -21.36 -4.65
N THR A 119 -16.48 -20.96 -4.38
CA THR A 119 -15.93 -19.72 -4.96
C THR A 119 -15.62 -19.88 -6.45
N HIS A 120 -15.38 -21.13 -6.87
CA HIS A 120 -15.22 -21.46 -8.28
C HIS A 120 -16.55 -21.58 -9.04
N SER A 121 -17.57 -22.14 -8.38
CA SER A 121 -18.86 -22.41 -9.05
C SER A 121 -19.96 -21.38 -8.85
N GLN A 122 -20.18 -20.94 -7.60
CA GLN A 122 -21.32 -20.04 -7.34
C GLN A 122 -20.99 -18.60 -6.91
N ASN A 123 -20.06 -18.45 -5.95
CA ASN A 123 -19.81 -17.14 -5.36
C ASN A 123 -18.32 -16.99 -5.09
N ARG A 124 -17.66 -16.22 -5.95
CA ARG A 124 -16.21 -15.99 -5.90
C ARG A 124 -15.78 -15.35 -4.57
N LEU A 125 -16.74 -14.66 -3.94
CA LEU A 125 -16.50 -13.91 -2.71
C LEU A 125 -17.08 -14.56 -1.45
N TRP A 126 -17.38 -15.86 -1.52
CA TRP A 126 -17.74 -16.65 -0.36
C TRP A 126 -16.54 -16.78 0.61
N ARG A 127 -16.81 -16.61 1.89
CA ARG A 127 -15.78 -16.66 2.95
C ARG A 127 -15.90 -17.90 3.85
N LYS A 128 -17.14 -18.29 4.14
CA LYS A 128 -17.38 -19.22 5.22
C LYS A 128 -17.22 -20.67 4.79
N THR A 129 -17.46 -21.61 5.70
CA THR A 129 -17.65 -23.00 5.32
C THR A 129 -18.98 -23.13 4.56
N ARG A 130 -19.39 -24.36 4.23
CA ARG A 130 -20.69 -24.53 3.58
C ARG A 130 -21.67 -25.36 4.44
N SER A 131 -21.40 -25.44 5.73
CA SER A 131 -22.24 -26.21 6.63
C SER A 131 -23.60 -25.53 6.83
N VAL A 132 -24.62 -26.35 7.08
CA VAL A 132 -25.97 -25.84 7.38
C VAL A 132 -26.63 -26.63 8.51
N SER A 136 -31.64 -23.83 8.26
CA SER A 136 -30.68 -22.91 7.63
C SER A 136 -30.84 -22.70 6.11
N LEU A 137 -31.37 -21.54 5.75
CA LEU A 137 -31.15 -20.99 4.42
C LEU A 137 -29.72 -20.45 4.46
N CYS A 138 -29.48 -19.45 5.33
CA CYS A 138 -28.14 -18.89 5.64
C CYS A 138 -27.06 -19.95 5.92
N VAL A 139 -26.13 -20.07 4.99
CA VAL A 139 -25.17 -21.16 5.02
C VAL A 139 -23.84 -20.75 5.64
N GLY A 140 -23.23 -21.69 6.36
CA GLY A 140 -21.81 -21.64 6.63
C GLY A 140 -21.40 -20.94 7.89
N VAL A 141 -20.23 -21.35 8.38
CA VAL A 141 -19.64 -20.79 9.59
C VAL A 141 -18.29 -20.15 9.23
N ASP A 142 -17.96 -19.02 9.87
CA ASP A 142 -16.63 -18.46 9.78
C ASP A 142 -15.70 -19.39 10.52
N ALA A 143 -14.88 -20.14 9.78
CA ALA A 143 -13.96 -21.13 10.33
C ALA A 143 -12.87 -20.49 11.20
N ASN A 144 -12.60 -19.20 10.97
CA ASN A 144 -11.74 -18.44 11.86
C ASN A 144 -12.46 -17.68 12.98
N ARG A 145 -13.70 -18.08 13.29
CA ARG A 145 -14.36 -17.67 14.52
C ARG A 145 -14.78 -18.89 15.33
N ASN A 146 -14.38 -20.06 14.85
CA ASN A 146 -14.87 -21.33 15.37
C ASN A 146 -13.90 -22.02 16.31
N TRP A 147 -12.76 -21.38 16.63
CA TRP A 147 -11.76 -22.01 17.48
C TRP A 147 -12.01 -21.72 18.95
N ASP A 148 -11.51 -22.61 19.80
CA ASP A 148 -11.84 -22.56 21.22
C ASP A 148 -10.88 -21.61 21.92
N ALA A 149 -11.02 -20.33 21.63
CA ALA A 149 -10.16 -19.28 22.16
C ALA A 149 -10.97 -18.00 22.16
N GLY A 150 -11.55 -17.69 23.32
CA GLY A 150 -12.51 -16.61 23.45
C GLY A 150 -13.70 -16.83 22.53
N PHE A 151 -14.11 -18.08 22.38
CA PHE A 151 -15.23 -18.42 21.51
C PHE A 151 -16.49 -17.65 21.93
N GLY A 152 -17.17 -17.03 20.97
CA GLY A 152 -18.41 -16.30 21.24
C GLY A 152 -18.27 -14.84 21.68
N LYS A 153 -17.06 -14.44 22.05
CA LYS A 153 -16.81 -13.06 22.51
C LYS A 153 -16.89 -12.06 21.35
N ALA A 154 -16.79 -10.78 21.67
CA ALA A 154 -16.88 -9.73 20.65
C ALA A 154 -15.93 -9.98 19.48
N GLY A 155 -16.35 -9.61 18.27
CA GLY A 155 -15.61 -9.93 17.06
C GLY A 155 -15.99 -11.26 16.43
N ALA A 156 -17.07 -11.86 16.93
CA ALA A 156 -17.76 -12.96 16.24
C ALA A 156 -19.25 -12.69 16.33
N SER A 157 -20.00 -13.25 15.40
CA SER A 157 -21.46 -13.06 15.35
C SER A 157 -22.16 -14.33 15.78
N SER A 158 -23.28 -14.18 16.49
CA SER A 158 -24.16 -15.30 16.81
C SER A 158 -25.24 -15.47 15.72
N SER A 159 -25.14 -14.66 14.66
CA SER A 159 -26.07 -14.72 13.53
C SER A 159 -25.57 -15.58 12.37
N PRO A 160 -26.33 -16.62 12.01
CA PRO A 160 -25.98 -17.51 10.89
C PRO A 160 -25.78 -16.79 9.55
N CYS A 161 -26.43 -15.65 9.38
CA CYS A 161 -26.40 -14.91 8.11
C CYS A 161 -25.23 -13.94 7.99
N SER A 162 -24.45 -13.83 9.04
CA SER A 162 -23.41 -12.84 9.06
C SER A 162 -22.03 -13.49 8.79
N GLU A 163 -21.08 -12.71 8.27
CA GLU A 163 -19.83 -13.28 7.75
C GLU A 163 -18.90 -13.87 8.82
N THR A 164 -19.08 -13.45 10.07
CA THR A 164 -18.25 -13.90 11.18
C THR A 164 -19.03 -14.80 12.15
N TYR A 165 -20.04 -15.51 11.61
CA TYR A 165 -20.80 -16.45 12.39
C TYR A 165 -19.89 -17.51 13.00
N HIS A 166 -19.93 -17.65 14.32
CA HIS A 166 -19.00 -18.54 15.00
C HIS A 166 -19.45 -20.00 15.05
N GLY A 167 -20.67 -20.28 14.58
CA GLY A 167 -21.25 -21.64 14.68
C GLY A 167 -21.89 -21.89 16.03
N LYS A 168 -22.49 -23.07 16.20
CA LYS A 168 -23.17 -23.41 17.45
C LYS A 168 -22.25 -23.59 18.65
N TYR A 169 -21.02 -24.03 18.41
CA TYR A 169 -20.04 -24.24 19.46
C TYR A 169 -18.63 -24.39 18.86
N ALA A 170 -17.62 -24.19 19.70
CA ALA A 170 -16.24 -24.29 19.28
C ALA A 170 -15.96 -25.65 18.68
N ASN A 171 -15.28 -25.66 17.53
CA ASN A 171 -14.93 -26.88 16.81
C ASN A 171 -16.11 -27.58 16.15
N SER A 172 -17.24 -26.86 16.03
CA SER A 172 -18.41 -27.39 15.37
C SER A 172 -18.11 -27.76 13.91
N GLU A 173 -17.17 -27.01 13.30
CA GLU A 173 -16.78 -27.23 11.91
C GLU A 173 -15.70 -28.28 11.85
N VAL A 174 -15.90 -29.28 10.98
CA VAL A 174 -14.95 -30.39 10.87
C VAL A 174 -13.59 -29.89 10.32
N GLU A 175 -13.63 -28.85 9.49
CA GLU A 175 -12.43 -28.26 8.92
C GLU A 175 -11.53 -27.67 10.01
N VAL A 176 -12.15 -27.18 11.09
CA VAL A 176 -11.44 -26.68 12.27
C VAL A 176 -11.08 -27.83 13.24
N LYS A 177 -12.06 -28.66 13.60
CA LYS A 177 -11.82 -29.82 14.48
C LYS A 177 -10.73 -30.77 13.94
N SER A 178 -10.71 -30.97 12.62
CA SER A 178 -9.69 -31.81 11.99
C SER A 178 -8.27 -31.35 12.31
N ILE A 179 -8.05 -30.02 12.26
CA ILE A 179 -6.76 -29.40 12.58
C ILE A 179 -6.48 -29.47 14.07
N VAL A 180 -7.46 -29.08 14.89
CA VAL A 180 -7.36 -29.17 16.35
C VAL A 180 -6.94 -30.58 16.79
N ASP A 181 -7.69 -31.59 16.35
CA ASP A 181 -7.35 -32.98 16.67
C ASP A 181 -5.90 -33.30 16.29
N PHE A 182 -5.53 -32.95 15.06
CA PHE A 182 -4.24 -33.31 14.50
C PHE A 182 -3.10 -32.66 15.30
N VAL A 183 -3.18 -31.35 15.44
CA VAL A 183 -2.19 -30.56 16.18
C VAL A 183 -2.03 -31.00 17.65
N LYS A 184 -3.14 -31.25 18.33
CA LYS A 184 -3.14 -31.67 19.74
C LYS A 184 -2.57 -33.07 19.92
N ASP A 185 -2.88 -33.96 18.97
CA ASP A 185 -2.40 -35.36 18.98
C ASP A 185 -0.90 -35.43 18.76
N HIS A 186 -0.44 -34.75 17.71
CA HIS A 186 0.98 -34.50 17.46
C HIS A 186 1.68 -34.00 18.72
N GLY A 187 1.23 -32.86 19.23
CA GLY A 187 1.68 -32.32 20.52
C GLY A 187 3.03 -31.64 20.57
N ASN A 188 3.67 -31.47 19.42
CA ASN A 188 5.02 -30.93 19.37
C ASN A 188 5.18 -29.87 18.25
N PHE A 189 4.22 -28.95 18.17
CA PHE A 189 4.25 -27.86 17.20
C PHE A 189 4.87 -26.66 17.88
N LYS A 190 5.80 -26.01 17.18
CA LYS A 190 6.50 -24.85 17.73
C LYS A 190 6.01 -23.56 17.07
N ALA A 191 5.61 -23.66 15.80
CA ALA A 191 5.06 -22.54 15.06
C ALA A 191 3.72 -22.90 14.41
N PHE A 192 2.82 -21.92 14.40
CA PHE A 192 1.48 -22.04 13.81
C PHE A 192 1.21 -20.77 13.01
N LEU A 193 1.18 -20.91 11.69
CA LEU A 193 1.02 -19.77 10.80
C LEU A 193 -0.27 -19.91 9.98
N SER A 194 -1.15 -18.92 10.10
CA SER A 194 -2.36 -18.89 9.29
C SER A 194 -2.27 -17.81 8.25
N ILE A 195 -2.59 -18.16 7.01
CA ILE A 195 -2.41 -17.24 5.89
C ILE A 195 -3.74 -16.73 5.34
N HIS A 196 -3.93 -15.42 5.43
CA HIS A 196 -5.14 -14.75 4.98
C HIS A 196 -4.76 -13.70 3.97
N SER A 197 -5.78 -13.08 3.39
CA SER A 197 -5.66 -11.86 2.59
C SER A 197 -6.97 -11.10 2.79
N TYR A 198 -6.96 -9.78 2.74
CA TYR A 198 -5.81 -8.95 2.37
C TYR A 198 -5.62 -7.86 3.43
N SER A 199 -4.51 -7.12 3.32
CA SER A 199 -4.27 -5.90 4.09
C SER A 199 -2.78 -5.59 4.19
N GLN A 200 -1.96 -6.60 3.93
CA GLN A 200 -0.48 -6.50 4.08
C GLN A 200 -0.10 -6.30 5.56
N LEU A 201 -0.34 -7.36 6.32
CA LEU A 201 -0.19 -7.36 7.76
C LEU A 201 0.40 -8.67 8.23
N LEU A 202 1.21 -8.59 9.28
CA LEU A 202 1.67 -9.77 9.97
C LEU A 202 1.27 -9.57 11.41
N LEU A 203 0.44 -10.47 11.91
CA LEU A 203 -0.19 -10.28 13.20
C LEU A 203 0.15 -11.40 14.16
N TYR A 204 0.12 -11.09 15.46
CA TYR A 204 0.31 -12.07 16.52
C TYR A 204 -0.88 -11.97 17.49
N PRO A 205 -1.03 -12.95 18.41
CA PRO A 205 -2.18 -12.87 19.33
C PRO A 205 -2.18 -11.61 20.21
N TYR A 206 -3.33 -11.19 20.73
CA TYR A 206 -4.62 -11.86 20.58
C TYR A 206 -5.58 -11.06 19.71
N GLY A 207 -6.59 -11.75 19.19
CA GLY A 207 -7.68 -11.08 18.50
C GLY A 207 -8.85 -10.87 19.43
N TYR A 208 -9.02 -11.77 20.39
CA TYR A 208 -10.21 -11.79 21.25
C TYR A 208 -10.13 -10.91 22.48
N THR A 209 -8.92 -10.52 22.86
CA THR A 209 -8.72 -9.71 24.06
C THR A 209 -7.63 -8.66 23.85
N THR A 210 -7.82 -7.50 24.48
CA THR A 210 -6.83 -6.42 24.46
C THR A 210 -5.62 -6.74 25.35
N GLN A 211 -5.75 -7.77 26.19
CA GLN A 211 -4.65 -8.29 27.00
C GLN A 211 -3.47 -8.73 26.13
N SER A 212 -2.30 -8.16 26.41
CA SER A 212 -1.06 -8.54 25.74
C SER A 212 -0.60 -9.96 26.08
N ILE A 213 -0.07 -10.67 25.09
CA ILE A 213 0.57 -11.98 25.32
C ILE A 213 1.89 -11.81 26.09
N PRO A 214 2.27 -12.79 26.93
CA PRO A 214 3.56 -12.74 27.63
C PRO A 214 4.77 -12.61 26.69
N ASP A 215 4.64 -13.15 25.48
CA ASP A 215 5.71 -13.09 24.48
C ASP A 215 5.61 -11.89 23.53
N LYS A 216 4.88 -10.84 23.92
CA LYS A 216 4.70 -9.69 23.02
C LYS A 216 6.02 -9.17 22.44
N THR A 217 6.98 -8.85 23.31
CA THR A 217 8.26 -8.26 22.88
C THR A 217 8.97 -9.09 21.82
N GLU A 218 9.09 -10.39 22.07
CA GLU A 218 9.74 -11.29 21.13
C GLU A 218 8.98 -11.47 19.83
N LEU A 219 7.66 -11.70 19.91
CA LEU A 219 6.88 -11.91 18.69
C LEU A 219 6.88 -10.64 17.84
N ASN A 220 6.90 -9.49 18.51
CA ASN A 220 7.01 -8.21 17.83
C ASN A 220 8.36 -8.07 17.08
N GLN A 221 9.45 -8.50 17.73
CA GLN A 221 10.77 -8.53 17.10
C GLN A 221 10.81 -9.51 15.93
N VAL A 222 10.24 -10.70 16.11
CA VAL A 222 10.17 -11.70 15.04
C VAL A 222 9.38 -11.16 13.87
N ALA A 223 8.28 -10.43 14.16
CA ALA A 223 7.39 -9.90 13.13
C ALA A 223 8.12 -8.84 12.30
N LYS A 224 8.81 -7.94 13.01
CA LYS A 224 9.64 -6.89 12.43
C LYS A 224 10.67 -7.43 11.44
N SER A 225 11.43 -8.46 11.84
CA SER A 225 12.40 -9.08 10.93
C SER A 225 11.72 -9.67 9.71
N ALA A 226 10.64 -10.43 9.94
CA ALA A 226 9.90 -11.12 8.88
C ALA A 226 9.41 -10.14 7.81
N VAL A 227 8.86 -9.03 8.28
CA VAL A 227 8.29 -7.99 7.44
C VAL A 227 9.43 -7.32 6.64
N ALA A 228 10.55 -7.04 7.30
CA ALA A 228 11.71 -6.47 6.63
C ALA A 228 12.21 -7.41 5.54
N ALA A 229 12.26 -8.71 5.84
CA ALA A 229 12.65 -9.73 4.86
C ALA A 229 11.71 -9.81 3.67
N LEU A 230 10.42 -9.83 3.97
CA LEU A 230 9.37 -9.82 2.95
C LEU A 230 9.49 -8.59 2.05
N LYS A 231 9.64 -7.42 2.68
CA LYS A 231 9.70 -6.15 1.94
C LYS A 231 10.88 -6.01 0.95
N SER A 232 11.99 -6.67 1.26
CA SER A 232 13.22 -6.50 0.47
C SER A 232 13.07 -6.89 -1.00
N LEU A 233 12.15 -7.81 -1.30
CA LEU A 233 12.03 -8.30 -2.67
C LEU A 233 11.37 -7.28 -3.57
N TYR A 234 10.10 -6.96 -3.28
CA TYR A 234 9.32 -6.05 -4.13
C TYR A 234 8.95 -4.73 -3.47
N GLY A 235 9.39 -4.55 -2.24
CA GLY A 235 9.08 -3.36 -1.46
C GLY A 235 7.70 -3.40 -0.85
N THR A 236 7.14 -4.60 -0.75
CA THR A 236 5.76 -4.72 -0.27
C THR A 236 5.68 -4.34 1.20
N SER A 237 4.94 -3.27 1.44
CA SER A 237 4.84 -2.66 2.76
C SER A 237 3.81 -3.34 3.65
N TYR A 238 4.30 -3.96 4.72
CA TYR A 238 3.49 -4.56 5.76
C TYR A 238 3.56 -3.77 7.05
N LYS A 239 2.48 -3.83 7.80
CA LYS A 239 2.47 -3.41 9.20
C LYS A 239 2.34 -4.69 10.03
N TYR A 240 2.62 -4.58 11.33
CA TYR A 240 2.58 -5.73 12.21
C TYR A 240 2.10 -5.30 13.59
N GLY A 241 1.65 -6.26 14.38
CA GLY A 241 1.15 -5.98 15.72
C GLY A 241 0.17 -7.06 16.06
N SER A 242 -0.51 -6.92 17.20
CA SER A 242 -1.52 -7.89 17.60
C SER A 242 -2.74 -7.75 16.69
N ILE A 243 -3.49 -8.84 16.52
CA ILE A 243 -4.73 -8.83 15.73
C ILE A 243 -5.67 -7.69 16.16
N ILE A 244 -6.00 -7.62 17.45
CA ILE A 244 -7.04 -6.71 17.97
C ILE A 244 -6.68 -5.22 17.79
N THR A 245 -5.40 -4.89 17.90
CA THR A 245 -4.93 -3.51 17.72
C THR A 245 -4.65 -3.16 16.27
N THR A 246 -4.42 -4.18 15.43
CA THR A 246 -3.95 -3.94 14.06
C THR A 246 -4.97 -4.18 12.93
N ILE A 247 -5.88 -5.15 13.09
CA ILE A 247 -7.08 -5.19 12.22
C ILE A 247 -8.37 -4.82 12.96
N TYR A 248 -8.83 -5.75 13.81
CA TYR A 248 -10.07 -5.61 14.55
C TYR A 248 -10.16 -6.75 15.55
N GLN A 249 -11.19 -6.70 16.40
CA GLN A 249 -11.44 -7.81 17.32
C GLN A 249 -11.99 -9.00 16.54
N ALA A 250 -11.46 -10.18 16.86
CA ALA A 250 -11.83 -11.42 16.17
C ALA A 250 -11.66 -12.55 17.17
N SER A 251 -12.78 -13.00 17.72
CA SER A 251 -12.77 -14.02 18.76
C SER A 251 -12.89 -15.39 18.12
N GLY A 252 -12.31 -16.41 18.73
CA GLY A 252 -12.38 -17.77 18.19
C GLY A 252 -11.46 -18.02 17.02
N GLY A 253 -10.36 -17.27 16.95
CA GLY A 253 -9.41 -17.36 15.84
C GLY A 253 -8.34 -18.41 16.04
N SER A 254 -7.77 -18.86 14.92
CA SER A 254 -6.79 -19.95 14.89
C SER A 254 -5.52 -19.72 15.71
N ILE A 255 -4.88 -18.56 15.57
CA ILE A 255 -3.60 -18.31 16.23
C ILE A 255 -3.75 -17.99 17.72
N ASP A 256 -4.91 -17.45 18.10
CA ASP A 256 -5.24 -17.27 19.52
C ASP A 256 -5.38 -18.66 20.15
N TRP A 257 -5.98 -19.59 19.42
CA TRP A 257 -6.10 -20.96 19.88
C TRP A 257 -4.72 -21.61 19.99
N SER A 258 -3.96 -21.61 18.90
CA SER A 258 -2.63 -22.19 18.89
C SER A 258 -1.74 -21.65 20.01
N TYR A 259 -1.67 -20.32 20.12
CA TYR A 259 -0.89 -19.70 21.17
C TYR A 259 -1.28 -20.19 22.56
N ASN A 260 -2.58 -20.36 22.79
CA ASN A 260 -3.08 -20.89 24.07
C ASN A 260 -2.83 -22.39 24.27
N GLN A 261 -2.45 -23.09 23.19
CA GLN A 261 -1.99 -24.47 23.30
C GLN A 261 -0.50 -24.52 23.68
N GLY A 262 0.14 -23.35 23.71
CA GLY A 262 1.57 -23.24 23.99
C GLY A 262 2.44 -23.18 22.75
N ILE A 263 1.83 -22.93 21.61
CA ILE A 263 2.60 -22.77 20.38
C ILE A 263 2.97 -21.30 20.26
N LYS A 264 4.20 -20.98 20.67
CA LYS A 264 4.64 -19.58 20.83
C LYS A 264 4.65 -18.79 19.53
N TYR A 265 5.21 -19.36 18.47
CA TYR A 265 5.32 -18.63 17.19
C TYR A 265 4.07 -18.80 16.31
N SER A 266 3.00 -18.18 16.79
CA SER A 266 1.68 -18.19 16.15
C SER A 266 1.45 -16.84 15.51
N PHE A 267 1.35 -16.82 14.18
CA PHE A 267 1.21 -15.57 13.43
C PHE A 267 0.16 -15.75 12.36
N THR A 268 -0.52 -14.65 12.02
CA THR A 268 -1.45 -14.61 10.88
C THR A 268 -0.92 -13.60 9.89
N PHE A 269 -0.75 -14.03 8.65
CA PHE A 269 -0.41 -13.13 7.55
C PHE A 269 -1.67 -12.70 6.85
N GLU A 270 -1.77 -11.39 6.59
CA GLU A 270 -2.69 -10.84 5.59
C GLU A 270 -1.85 -10.44 4.39
N LEU A 271 -1.99 -11.20 3.30
CA LEU A 271 -1.20 -10.97 2.09
C LEU A 271 -1.70 -9.76 1.31
N ARG A 272 -1.20 -9.63 0.08
CA ARG A 272 -1.60 -8.54 -0.81
C ARG A 272 -3.11 -8.58 -1.12
N ASP A 273 -3.71 -7.45 -1.49
CA ASP A 273 -3.08 -6.12 -1.49
C ASP A 273 -3.59 -5.29 -0.31
N THR A 274 -3.80 -3.99 -0.52
CA THR A 274 -4.39 -3.14 0.50
C THR A 274 -5.83 -2.72 0.14
N GLY A 275 -6.44 -3.38 -0.83
CA GLY A 275 -7.83 -3.10 -1.15
C GLY A 275 -8.14 -2.63 -2.56
N ARG A 276 -7.12 -2.48 -3.40
CA ARG A 276 -7.33 -2.08 -4.80
C ARG A 276 -8.04 -3.21 -5.54
N TYR A 277 -7.44 -4.40 -5.51
CA TYR A 277 -8.08 -5.59 -6.07
C TYR A 277 -8.64 -6.47 -4.97
N GLY A 278 -8.14 -6.30 -3.75
CA GLY A 278 -8.68 -6.96 -2.59
C GLY A 278 -8.58 -8.46 -2.78
N PHE A 279 -9.70 -9.15 -2.59
CA PHE A 279 -9.80 -10.60 -2.79
C PHE A 279 -9.58 -11.03 -4.25
N LEU A 280 -9.81 -10.10 -5.17
CA LEU A 280 -9.75 -10.36 -6.62
C LEU A 280 -8.35 -10.02 -7.16
N LEU A 281 -7.33 -10.34 -6.36
CA LEU A 281 -5.94 -10.09 -6.74
C LEU A 281 -5.63 -10.82 -8.06
N PRO A 282 -5.06 -10.11 -9.05
CA PRO A 282 -4.87 -10.72 -10.37
C PRO A 282 -3.80 -11.81 -10.33
N ALA A 283 -3.91 -12.79 -11.22
CA ALA A 283 -3.01 -13.95 -11.26
C ALA A 283 -1.54 -13.57 -11.43
N SER A 284 -1.30 -12.42 -12.04
CA SER A 284 0.04 -11.89 -12.26
C SER A 284 0.81 -11.67 -10.94
N GLN A 285 0.09 -11.51 -9.84
CA GLN A 285 0.71 -11.21 -8.53
C GLN A 285 0.89 -12.47 -7.67
N ILE A 286 0.49 -13.63 -8.19
CA ILE A 286 0.61 -14.87 -7.43
C ILE A 286 2.06 -15.20 -7.08
N ILE A 287 2.92 -15.34 -8.10
CA ILE A 287 4.36 -15.59 -7.88
C ILE A 287 5.02 -14.49 -7.03
N PRO A 288 4.92 -13.21 -7.46
CA PRO A 288 5.47 -12.17 -6.59
C PRO A 288 5.03 -12.26 -5.13
N THR A 289 3.73 -12.55 -4.88
CA THR A 289 3.24 -12.65 -3.50
C THR A 289 3.86 -13.85 -2.82
N ALA A 290 3.86 -14.98 -3.51
CA ALA A 290 4.33 -16.20 -2.89
C ALA A 290 5.81 -16.02 -2.49
N GLN A 291 6.61 -15.48 -3.41
CA GLN A 291 8.04 -15.24 -3.19
C GLN A 291 8.38 -14.40 -1.97
N GLU A 292 7.75 -13.22 -1.84
CA GLU A 292 8.00 -12.34 -0.71
C GLU A 292 7.45 -12.92 0.60
N THR A 293 6.33 -13.63 0.52
CA THR A 293 5.70 -14.17 1.71
C THR A 293 6.57 -15.29 2.28
N TRP A 294 7.20 -16.06 1.37
CA TRP A 294 8.13 -17.12 1.71
C TRP A 294 9.29 -16.58 2.57
N LEU A 295 9.81 -15.42 2.17
CA LEU A 295 10.88 -14.75 2.90
C LEU A 295 10.48 -14.42 4.34
N GLY A 296 9.25 -13.93 4.53
CA GLY A 296 8.72 -13.67 5.87
C GLY A 296 8.56 -14.97 6.66
N VAL A 297 7.94 -15.96 6.02
CA VAL A 297 7.71 -17.27 6.63
C VAL A 297 9.04 -17.98 7.01
N LEU A 298 9.99 -18.03 6.08
CA LEU A 298 11.31 -18.59 6.37
C LEU A 298 11.99 -17.87 7.54
N THR A 299 11.83 -16.56 7.63
CA THR A 299 12.38 -15.80 8.76
C THR A 299 11.81 -16.29 10.10
N ILE A 300 10.49 -16.50 10.14
CA ILE A 300 9.83 -17.01 11.35
C ILE A 300 10.30 -18.44 11.66
N MET A 301 10.42 -19.27 10.63
CA MET A 301 10.93 -20.62 10.78
C MET A 301 12.36 -20.65 11.34
N GLU A 302 13.21 -19.73 10.85
CA GLU A 302 14.60 -19.64 11.30
C GLU A 302 14.69 -19.25 12.77
N HIS A 303 13.89 -18.28 13.18
CA HIS A 303 13.77 -17.93 14.59
C HIS A 303 13.10 -19.02 15.44
N THR A 304 12.35 -19.92 14.81
CA THR A 304 11.71 -21.02 15.53
C THR A 304 12.73 -22.10 15.88
N VAL A 305 13.54 -22.47 14.88
CA VAL A 305 14.63 -23.42 15.05
C VAL A 305 15.61 -22.88 16.10
N SER B 3 13.64 -5.94 -29.78
CA SER B 3 12.26 -5.48 -29.45
C SER B 3 12.19 -4.89 -28.04
N THR B 4 11.34 -3.87 -27.87
CA THR B 4 11.05 -3.32 -26.54
C THR B 4 10.14 -4.28 -25.75
N ASN B 5 9.57 -5.27 -26.44
CA ASN B 5 8.78 -6.30 -25.78
C ASN B 5 9.64 -7.33 -25.07
N THR B 6 10.81 -7.64 -25.63
CA THR B 6 11.75 -8.56 -25.01
C THR B 6 12.82 -7.85 -24.16
N PHE B 7 12.72 -6.52 -24.09
CA PHE B 7 13.56 -5.70 -23.21
C PHE B 7 13.32 -6.08 -21.75
N ASN B 8 14.38 -6.08 -20.95
CA ASN B 8 14.27 -6.40 -19.53
C ASN B 8 14.12 -5.12 -18.71
N TYR B 9 12.89 -4.82 -18.31
CA TYR B 9 12.56 -3.64 -17.51
C TYR B 9 12.83 -3.84 -16.02
N ALA B 10 13.14 -5.08 -15.66
CA ALA B 10 13.36 -5.49 -14.27
C ALA B 10 14.86 -5.60 -13.96
N THR B 11 15.66 -4.85 -14.72
CA THR B 11 17.08 -4.69 -14.43
C THR B 11 17.57 -3.28 -14.76
N TYR B 12 18.71 -2.93 -14.20
CA TYR B 12 19.30 -1.61 -14.45
C TYR B 12 20.13 -1.66 -15.73
N HIS B 13 20.06 -0.59 -16.51
CA HIS B 13 20.72 -0.59 -17.82
C HIS B 13 21.82 0.46 -17.87
N THR B 14 22.72 0.30 -18.84
CA THR B 14 23.78 1.25 -19.10
C THR B 14 23.22 2.35 -20.00
N LEU B 15 23.97 3.44 -20.16
CA LEU B 15 23.57 4.50 -21.06
C LEU B 15 23.34 4.01 -22.50
N ASP B 16 24.25 3.19 -23.03
CA ASP B 16 24.09 2.70 -24.41
C ASP B 16 22.80 1.90 -24.59
N GLU B 17 22.54 1.00 -23.64
CA GLU B 17 21.30 0.20 -23.63
C GLU B 17 20.04 1.08 -23.61
N ILE B 18 20.08 2.15 -22.81
CA ILE B 18 18.95 3.07 -22.73
C ILE B 18 18.81 3.83 -24.04
N TYR B 19 19.92 4.29 -24.59
CA TYR B 19 19.92 5.00 -25.88
C TYR B 19 19.43 4.08 -27.02
N ASP B 20 19.87 2.81 -27.01
CA ASP B 20 19.38 1.81 -27.97
C ASP B 20 17.90 1.53 -27.80
N PHE B 21 17.44 1.42 -26.55
CA PHE B 21 16.01 1.28 -26.25
C PHE B 21 15.18 2.43 -26.87
N MET B 22 15.67 3.66 -26.76
CA MET B 22 14.98 4.83 -27.31
C MET B 22 14.79 4.65 -28.80
N ASP B 23 15.83 4.15 -29.47
CA ASP B 23 15.80 3.92 -30.90
C ASP B 23 14.85 2.79 -31.30
N LEU B 24 14.86 1.71 -30.52
CA LEU B 24 13.92 0.60 -30.71
C LEU B 24 12.49 1.09 -30.61
N LEU B 25 12.17 1.77 -29.52
CA LEU B 25 10.82 2.28 -29.26
C LEU B 25 10.32 3.28 -30.31
N VAL B 26 11.22 4.15 -30.79
CA VAL B 26 10.89 5.07 -31.90
C VAL B 26 10.59 4.27 -33.16
N ALA B 27 11.48 3.33 -33.51
CA ALA B 27 11.30 2.49 -34.70
C ALA B 27 9.99 1.71 -34.68
N GLU B 28 9.54 1.35 -33.49
CA GLU B 28 8.33 0.55 -33.30
C GLU B 28 7.05 1.39 -33.22
N HIS B 29 7.18 2.66 -32.85
CA HIS B 29 6.02 3.55 -32.72
C HIS B 29 6.30 4.93 -33.32
N PRO B 30 6.64 4.99 -34.64
CA PRO B 30 7.11 6.24 -35.27
C PRO B 30 6.07 7.38 -35.38
N GLN B 31 4.79 7.06 -35.26
CA GLN B 31 3.71 8.05 -35.27
C GLN B 31 3.38 8.56 -33.86
N LEU B 32 3.98 7.95 -32.84
CA LEU B 32 3.72 8.35 -31.45
C LEU B 32 4.95 8.98 -30.84
N VAL B 33 6.11 8.36 -31.04
CA VAL B 33 7.33 8.82 -30.39
C VAL B 33 8.47 9.20 -31.33
N SER B 34 9.14 10.29 -30.99
CA SER B 34 10.34 10.74 -31.67
C SER B 34 11.43 11.03 -30.64
N LYS B 35 12.68 10.91 -31.08
CA LYS B 35 13.82 11.21 -30.24
C LYS B 35 14.37 12.57 -30.64
N LEU B 36 14.52 13.45 -29.64
CA LEU B 36 15.08 14.78 -29.89
C LEU B 36 16.42 14.91 -29.17
N GLN B 37 17.41 15.43 -29.88
CA GLN B 37 18.66 15.78 -29.24
C GLN B 37 18.59 17.25 -28.84
N ILE B 38 18.57 17.52 -27.54
CA ILE B 38 18.42 18.90 -27.07
C ILE B 38 19.76 19.55 -26.74
N GLY B 39 20.83 18.78 -26.80
CA GLY B 39 22.15 19.33 -26.57
C GLY B 39 23.17 18.23 -26.40
N ARG B 40 24.38 18.61 -26.04
CA ARG B 40 25.43 17.66 -25.71
C ARG B 40 25.97 17.92 -24.32
N SER B 41 26.21 16.85 -23.58
CA SER B 41 26.77 16.94 -22.24
C SER B 41 28.20 17.49 -22.28
N TYR B 42 28.70 17.92 -21.11
CA TYR B 42 30.06 18.39 -20.99
C TYR B 42 31.06 17.49 -21.73
N GLU B 43 30.99 16.19 -21.50
CA GLU B 43 31.92 15.26 -22.16
C GLU B 43 31.49 14.87 -23.58
N GLY B 44 30.42 15.48 -24.09
CA GLY B 44 30.05 15.33 -25.49
C GLY B 44 29.08 14.22 -25.82
N ARG B 45 28.37 13.72 -24.82
CA ARG B 45 27.32 12.71 -25.07
C ARG B 45 26.05 13.44 -25.50
N PRO B 46 25.32 12.87 -26.47
CA PRO B 46 24.09 13.53 -26.87
C PRO B 46 23.10 13.45 -25.71
N ILE B 47 22.32 14.51 -25.54
CA ILE B 47 21.28 14.56 -24.53
C ILE B 47 19.98 14.40 -25.29
N TYR B 48 19.23 13.34 -24.96
CA TYR B 48 18.03 12.96 -25.69
C TYR B 48 16.74 13.08 -24.88
N VAL B 49 15.72 13.60 -25.55
CA VAL B 49 14.38 13.62 -25.02
C VAL B 49 13.49 12.80 -25.95
N LEU B 50 12.67 11.94 -25.37
CA LEU B 50 11.60 11.30 -26.12
C LEU B 50 10.38 12.20 -26.11
N LYS B 51 9.84 12.46 -27.29
CA LYS B 51 8.61 13.23 -27.43
C LYS B 51 7.47 12.29 -27.78
N PHE B 52 6.40 12.36 -27.00
CA PHE B 52 5.20 11.56 -27.24
C PHE B 52 4.10 12.48 -27.71
N SER B 53 3.63 12.25 -28.95
CA SER B 53 2.70 13.16 -29.61
C SER B 53 1.77 12.44 -30.63
N THR B 54 0.54 12.92 -30.73
CA THR B 54 -0.40 12.42 -31.74
C THR B 54 -0.83 13.53 -32.71
N GLY B 55 0.01 14.55 -32.86
CA GLY B 55 -0.24 15.63 -33.80
C GLY B 55 -0.23 17.02 -33.18
N GLY B 56 -0.75 17.99 -33.92
CA GLY B 56 -0.71 19.39 -33.52
C GLY B 56 0.68 19.96 -33.69
N SER B 57 0.81 21.26 -33.42
CA SER B 57 2.10 21.93 -33.44
C SER B 57 2.36 22.51 -32.06
N ASN B 58 3.43 22.06 -31.42
CA ASN B 58 3.76 22.54 -30.06
C ASN B 58 2.57 22.60 -29.11
N ARG B 59 1.84 21.49 -29.00
CA ARG B 59 0.69 21.36 -28.09
C ARG B 59 1.09 21.60 -26.62
N PRO B 60 0.09 21.88 -25.74
CA PRO B 60 0.43 21.95 -24.33
C PRO B 60 1.17 20.68 -23.96
N ALA B 61 2.26 20.83 -23.20
CA ALA B 61 3.13 19.70 -22.94
C ALA B 61 3.37 19.44 -21.45
N ILE B 62 3.73 18.20 -21.15
CA ILE B 62 4.18 17.78 -19.83
C ILE B 62 5.64 17.42 -19.99
N TRP B 63 6.49 18.06 -19.17
CA TRP B 63 7.91 17.72 -19.09
C TRP B 63 8.12 16.76 -17.93
N ILE B 64 8.94 15.73 -18.19
CA ILE B 64 9.36 14.80 -17.14
C ILE B 64 10.87 14.62 -17.27
N ASP B 65 11.62 15.09 -16.28
CA ASP B 65 13.05 14.79 -16.24
C ASP B 65 13.39 13.73 -15.19
N LEU B 66 14.32 12.85 -15.55
CA LEU B 66 14.80 11.80 -14.68
C LEU B 66 16.32 11.70 -14.75
N GLY B 67 16.93 11.24 -13.67
CA GLY B 67 18.37 10.97 -13.65
C GLY B 67 19.23 12.21 -13.70
N ILE B 68 18.70 13.34 -13.23
CA ILE B 68 19.50 14.55 -13.10
C ILE B 68 20.68 14.32 -12.14
N HIS B 69 20.42 13.54 -11.10
CA HIS B 69 21.44 13.04 -10.20
C HIS B 69 21.68 11.58 -10.57
N SER B 70 22.90 11.26 -11.01
CA SER B 70 23.12 10.03 -11.75
C SER B 70 22.97 8.76 -10.95
N ARG B 71 23.32 8.82 -9.66
CA ARG B 71 23.24 7.65 -8.77
C ARG B 71 21.81 7.19 -8.46
N GLU B 72 20.83 8.03 -8.74
CA GLU B 72 19.42 7.73 -8.47
C GLU B 72 18.88 6.81 -9.58
N TRP B 73 19.46 5.60 -9.64
CA TRP B 73 19.25 4.68 -10.77
C TRP B 73 17.80 4.22 -10.97
N ILE B 74 17.01 4.27 -9.89
CA ILE B 74 15.61 3.90 -9.98
C ILE B 74 14.85 4.87 -10.89
N THR B 75 15.31 6.12 -10.95
CA THR B 75 14.67 7.12 -11.83
C THR B 75 14.85 6.82 -13.32
N GLN B 76 16.07 6.56 -13.78
CA GLN B 76 16.26 6.25 -15.21
C GLN B 76 15.49 4.97 -15.58
N ALA B 77 15.52 3.98 -14.68
CA ALA B 77 14.86 2.69 -14.87
C ALA B 77 13.35 2.87 -14.95
N THR B 78 12.83 3.80 -14.16
CA THR B 78 11.43 4.23 -14.20
C THR B 78 11.10 4.97 -15.51
N GLY B 79 11.98 5.87 -15.94
CA GLY B 79 11.89 6.52 -17.25
C GLY B 79 11.75 5.54 -18.42
N VAL B 80 12.57 4.50 -18.45
CA VAL B 80 12.51 3.46 -19.47
C VAL B 80 11.13 2.79 -19.46
N TRP B 81 10.70 2.39 -18.26
CA TRP B 81 9.40 1.78 -18.05
C TRP B 81 8.24 2.68 -18.49
N PHE B 82 8.33 3.96 -18.13
CA PHE B 82 7.34 4.99 -18.48
C PHE B 82 7.20 5.09 -19.99
N ALA B 83 8.34 5.18 -20.69
CA ALA B 83 8.37 5.30 -22.16
C ALA B 83 7.61 4.15 -22.81
N LYS B 84 7.89 2.92 -22.38
CA LYS B 84 7.21 1.75 -22.89
C LYS B 84 5.74 1.81 -22.52
N LYS B 85 5.45 2.17 -21.28
CA LYS B 85 4.07 2.28 -20.81
C LYS B 85 3.24 3.25 -21.65
N PHE B 86 3.81 4.40 -21.99
CA PHE B 86 3.11 5.38 -22.83
C PHE B 86 2.62 4.74 -24.13
N THR B 87 3.49 3.96 -24.77
CA THR B 87 3.18 3.32 -26.05
C THR B 87 2.24 2.13 -25.85
N GLU B 88 2.31 1.50 -24.67
CA GLU B 88 1.39 0.40 -24.35
C GLU B 88 -0.02 0.88 -24.05
N ASP B 89 -0.14 2.00 -23.34
CA ASP B 89 -1.43 2.49 -22.87
C ASP B 89 -2.18 3.41 -23.83
N TYR B 90 -1.47 4.12 -24.69
CA TYR B 90 -2.16 4.99 -25.64
C TYR B 90 -3.08 4.18 -26.56
N GLY B 91 -4.36 4.58 -26.58
CA GLY B 91 -5.39 3.84 -27.32
C GLY B 91 -5.95 2.65 -26.57
N GLN B 92 -5.48 2.43 -25.34
CA GLN B 92 -6.05 1.40 -24.47
C GLN B 92 -6.66 2.02 -23.21
N ASP B 93 -5.90 2.87 -22.52
CA ASP B 93 -6.43 3.58 -21.35
C ASP B 93 -7.07 4.92 -21.76
N PRO B 94 -8.38 5.08 -21.48
CA PRO B 94 -9.14 6.28 -21.90
C PRO B 94 -8.63 7.60 -21.34
N SER B 95 -8.19 7.61 -20.08
CA SER B 95 -7.60 8.81 -19.44
C SER B 95 -6.30 9.22 -20.15
N PHE B 96 -5.40 8.25 -20.31
CA PHE B 96 -4.12 8.53 -20.91
C PHE B 96 -4.22 8.79 -22.42
N THR B 97 -5.22 8.20 -23.07
CA THR B 97 -5.47 8.49 -24.47
C THR B 97 -5.95 9.93 -24.61
N ALA B 98 -6.89 10.32 -23.74
CA ALA B 98 -7.39 11.71 -23.69
C ALA B 98 -6.26 12.71 -23.51
N ILE B 99 -5.37 12.46 -22.53
CA ILE B 99 -4.22 13.35 -22.30
C ILE B 99 -3.39 13.52 -23.58
N LEU B 100 -2.97 12.39 -24.16
CA LEU B 100 -2.11 12.38 -25.33
C LEU B 100 -2.83 12.89 -26.59
N ASP B 101 -4.15 12.77 -26.62
CA ASP B 101 -4.98 13.35 -27.70
C ASP B 101 -5.03 14.89 -27.64
N SER B 102 -4.53 15.50 -26.57
CA SER B 102 -4.55 16.97 -26.45
C SER B 102 -3.23 17.59 -26.01
N MET B 103 -2.31 16.75 -25.55
CA MET B 103 -1.06 17.21 -24.96
C MET B 103 0.10 16.36 -25.46
N ASP B 104 1.30 16.92 -25.46
CA ASP B 104 2.50 16.14 -25.72
C ASP B 104 3.21 15.83 -24.40
N ILE B 105 3.94 14.73 -24.37
CA ILE B 105 4.77 14.40 -23.22
C ILE B 105 6.22 14.37 -23.68
N PHE B 106 7.07 15.02 -22.90
CA PHE B 106 8.50 15.03 -23.17
C PHE B 106 9.20 14.36 -22.01
N LEU B 107 9.86 13.26 -22.31
CA LEU B 107 10.47 12.41 -21.32
C LEU B 107 11.98 12.41 -21.49
N GLU B 108 12.68 13.01 -20.53
CA GLU B 108 14.12 12.94 -20.53
C GLU B 108 14.61 11.88 -19.54
N ILE B 109 14.90 10.70 -20.07
CA ILE B 109 15.25 9.57 -19.24
C ILE B 109 16.58 9.78 -18.50
N VAL B 110 17.58 10.32 -19.20
CA VAL B 110 18.90 10.53 -18.60
C VAL B 110 19.34 11.98 -18.76
N THR B 111 19.01 12.79 -17.76
CA THR B 111 19.28 14.23 -17.79
C THR B 111 20.76 14.56 -17.62
N ASN B 112 21.50 13.63 -17.01
CA ASN B 112 22.93 13.79 -16.68
C ASN B 112 23.72 12.57 -17.22
N PRO B 113 23.92 12.52 -18.55
CA PRO B 113 24.53 11.31 -19.17
C PRO B 113 26.00 11.04 -18.77
N ASP B 114 26.80 12.07 -18.54
CA ASP B 114 28.18 11.89 -18.06
C ASP B 114 28.24 11.28 -16.66
N GLY B 115 27.46 11.85 -15.75
CA GLY B 115 27.27 11.29 -14.41
C GLY B 115 26.83 9.83 -14.48
N PHE B 116 25.90 9.52 -15.39
CA PHE B 116 25.35 8.17 -15.50
C PHE B 116 26.39 7.19 -16.01
N ALA B 117 27.11 7.58 -17.05
CA ALA B 117 28.25 6.77 -17.50
C ALA B 117 29.26 6.57 -16.35
N PHE B 118 29.49 7.63 -15.55
CA PHE B 118 30.42 7.56 -14.43
C PHE B 118 29.97 6.63 -13.31
N THR B 119 28.67 6.55 -13.06
CA THR B 119 28.13 5.61 -12.06
C THR B 119 28.30 4.14 -12.49
N HIS B 120 28.34 3.90 -13.80
CA HIS B 120 28.53 2.53 -14.32
C HIS B 120 30.05 2.22 -14.43
N SER B 121 30.86 3.22 -14.74
CA SER B 121 32.29 3.01 -14.99
C SER B 121 33.17 3.13 -13.74
N GLN B 122 32.85 4.07 -12.85
CA GLN B 122 33.79 4.43 -11.79
C GLN B 122 33.22 4.53 -10.36
N ASN B 123 32.10 5.23 -10.21
CA ASN B 123 31.57 5.51 -8.89
C ASN B 123 30.06 5.47 -8.95
N ARG B 124 29.51 4.31 -8.58
CA ARG B 124 28.07 4.04 -8.50
C ARG B 124 27.26 5.15 -7.78
N LEU B 125 27.92 5.85 -6.87
CA LEU B 125 27.25 6.83 -6.02
C LEU B 125 27.61 8.25 -6.37
N TRP B 126 28.01 8.47 -7.63
CA TRP B 126 28.24 9.81 -8.15
C TRP B 126 26.92 10.54 -8.37
N ARG B 127 26.85 11.80 -7.94
CA ARG B 127 25.62 12.60 -8.02
C ARG B 127 25.70 13.65 -9.14
N LYS B 128 26.84 14.32 -9.22
CA LYS B 128 26.92 15.58 -9.96
C LYS B 128 27.12 15.36 -11.47
N THR B 129 27.17 16.46 -12.23
CA THR B 129 27.68 16.42 -13.61
C THR B 129 29.19 16.09 -13.54
N ARG B 130 29.86 16.09 -14.70
CA ARG B 130 31.29 15.81 -14.73
C ARG B 130 32.14 16.96 -15.27
N SER B 131 31.60 18.17 -15.21
CA SER B 131 32.30 19.34 -15.68
C SER B 131 33.46 19.67 -14.75
N VAL B 132 34.50 20.31 -15.30
CA VAL B 132 35.71 20.64 -14.52
C VAL B 132 36.09 22.13 -14.62
N THR B 133 35.08 22.96 -14.89
CA THR B 133 35.22 24.40 -15.18
C THR B 133 36.12 25.22 -14.24
N SER B 136 38.79 20.37 -11.11
CA SER B 136 39.23 18.88 -11.43
C SER B 136 39.83 17.99 -10.33
N LEU B 137 40.29 18.61 -9.25
CA LEU B 137 40.40 17.90 -7.97
C LEU B 137 38.99 17.55 -7.50
N CYS B 138 38.07 18.51 -7.65
CA CYS B 138 36.68 18.35 -7.22
C CYS B 138 35.76 18.49 -8.41
N VAL B 139 35.44 17.36 -9.04
CA VAL B 139 34.72 17.37 -10.30
C VAL B 139 33.21 17.62 -10.12
N GLY B 140 32.66 18.40 -11.03
CA GLY B 140 31.22 18.43 -11.25
C GLY B 140 30.39 19.41 -10.43
N VAL B 141 29.19 19.67 -10.94
CA VAL B 141 28.24 20.58 -10.35
C VAL B 141 26.95 19.79 -10.07
N ASP B 142 26.25 20.17 -9.01
CA ASP B 142 24.92 19.62 -8.75
C ASP B 142 23.94 20.27 -9.74
N ALA B 143 23.51 19.49 -10.75
CA ALA B 143 22.61 20.00 -11.80
C ALA B 143 21.26 20.45 -11.24
N ASN B 144 20.91 20.00 -10.03
CA ASN B 144 19.71 20.48 -9.39
C ASN B 144 19.94 21.60 -8.37
N ARG B 145 21.08 22.30 -8.50
CA ARG B 145 21.35 23.55 -7.80
C ARG B 145 21.77 24.63 -8.79
N ASN B 146 21.75 24.27 -10.08
CA ASN B 146 22.26 25.12 -11.17
C ASN B 146 21.22 25.99 -11.87
N TRP B 147 19.93 25.82 -11.54
CA TRP B 147 18.84 26.54 -12.19
C TRP B 147 18.74 27.98 -11.70
N ASP B 148 18.26 28.87 -12.56
CA ASP B 148 18.12 30.27 -12.21
C ASP B 148 16.85 30.53 -11.40
N ALA B 149 16.86 30.08 -10.15
CA ALA B 149 15.76 30.27 -9.21
C ALA B 149 16.33 30.21 -7.80
N GLY B 150 16.55 31.39 -7.21
CA GLY B 150 17.20 31.46 -5.91
C GLY B 150 18.61 30.92 -5.97
N PHE B 151 19.24 31.00 -7.15
CA PHE B 151 20.58 30.50 -7.37
C PHE B 151 21.56 31.12 -6.36
N GLY B 152 22.31 30.25 -5.68
CA GLY B 152 23.35 30.70 -4.74
C GLY B 152 22.90 30.78 -3.30
N LYS B 153 21.58 30.82 -3.09
CA LYS B 153 21.00 30.96 -1.76
C LYS B 153 21.17 29.68 -0.92
N ALA B 154 20.79 29.74 0.35
CA ALA B 154 20.89 28.60 1.25
C ALA B 154 20.34 27.32 0.61
N GLY B 155 20.99 26.20 0.87
CA GLY B 155 20.62 24.94 0.23
C GLY B 155 21.43 24.62 -1.02
N ALA B 156 22.48 25.40 -1.26
CA ALA B 156 23.47 25.10 -2.28
C ALA B 156 24.82 25.54 -1.76
N SER B 157 25.86 24.85 -2.20
CA SER B 157 27.21 25.10 -1.77
C SER B 157 27.99 25.89 -2.80
N SER B 158 28.81 26.81 -2.32
CA SER B 158 29.79 27.50 -3.13
C SER B 158 31.11 26.71 -3.23
N SER B 159 31.14 25.51 -2.67
CA SER B 159 32.35 24.70 -2.68
C SER B 159 32.27 23.60 -3.72
N PRO B 160 33.24 23.57 -4.66
CA PRO B 160 33.29 22.55 -5.71
C PRO B 160 33.30 21.14 -5.17
N CYS B 161 33.83 20.93 -3.97
CA CYS B 161 33.98 19.60 -3.38
C CYS B 161 32.71 19.06 -2.72
N SER B 162 31.69 19.91 -2.59
CA SER B 162 30.51 19.46 -1.90
C SER B 162 29.46 18.96 -2.91
N GLU B 163 28.51 18.16 -2.45
CA GLU B 163 27.58 17.51 -3.38
C GLU B 163 26.52 18.46 -3.95
N THR B 164 26.31 19.61 -3.31
CA THR B 164 25.33 20.61 -3.76
C THR B 164 25.99 21.87 -4.34
N TYR B 165 27.20 21.70 -4.84
CA TYR B 165 27.89 22.76 -5.55
C TYR B 165 27.01 23.31 -6.69
N HIS B 166 26.68 24.59 -6.59
CA HIS B 166 25.83 25.26 -7.56
C HIS B 166 26.52 25.65 -8.87
N GLY B 167 27.84 25.63 -8.91
CA GLY B 167 28.56 26.04 -10.11
C GLY B 167 28.83 27.52 -10.06
N LYS B 168 29.46 28.04 -11.12
CA LYS B 168 29.94 29.44 -11.14
C LYS B 168 28.79 30.42 -11.36
N TYR B 169 27.76 29.98 -12.07
CA TYR B 169 26.60 30.82 -12.39
C TYR B 169 25.49 29.90 -12.85
N ALA B 170 24.26 30.41 -12.81
CA ALA B 170 23.09 29.66 -13.20
C ALA B 170 23.14 29.28 -14.67
N ASN B 171 22.84 28.02 -14.94
CA ASN B 171 22.87 27.47 -16.31
C ASN B 171 24.26 27.18 -16.83
N SER B 172 25.26 27.19 -15.96
CA SER B 172 26.63 26.88 -16.41
C SER B 172 26.71 25.46 -16.97
N GLU B 173 25.86 24.58 -16.47
CA GLU B 173 25.89 23.18 -16.89
C GLU B 173 25.02 23.01 -18.12
N VAL B 174 25.64 22.57 -19.21
CA VAL B 174 24.96 22.41 -20.48
C VAL B 174 23.73 21.51 -20.32
N GLU B 175 23.82 20.54 -19.40
CA GLU B 175 22.73 19.60 -19.14
C GLU B 175 21.46 20.32 -18.69
N VAL B 176 21.66 21.40 -17.92
CA VAL B 176 20.57 22.27 -17.44
C VAL B 176 20.19 23.33 -18.46
N LYS B 177 21.19 24.02 -18.99
CA LYS B 177 20.98 25.04 -20.03
C LYS B 177 20.16 24.45 -21.21
N SER B 178 20.47 23.22 -21.62
CA SER B 178 19.73 22.53 -22.68
C SER B 178 18.24 22.40 -22.39
N ILE B 179 17.88 22.04 -21.17
CA ILE B 179 16.46 21.95 -20.79
C ILE B 179 15.82 23.34 -20.75
N VAL B 180 16.50 24.28 -20.11
CA VAL B 180 16.06 25.67 -20.05
C VAL B 180 15.74 26.18 -21.47
N ASP B 181 16.70 26.11 -22.38
CA ASP B 181 16.49 26.58 -23.75
C ASP B 181 15.36 25.85 -24.43
N PHE B 182 15.27 24.54 -24.23
CA PHE B 182 14.21 23.77 -24.84
C PHE B 182 12.82 24.16 -24.36
N VAL B 183 12.65 24.28 -23.05
CA VAL B 183 11.36 24.55 -22.47
C VAL B 183 10.91 25.97 -22.80
N LYS B 184 11.83 26.93 -22.77
CA LYS B 184 11.56 28.34 -23.10
C LYS B 184 11.20 28.53 -24.57
N ASP B 185 12.01 27.96 -25.47
CA ASP B 185 11.73 27.94 -26.90
C ASP B 185 10.39 27.28 -27.21
N HIS B 186 10.04 26.22 -26.47
CA HIS B 186 8.75 25.55 -26.65
C HIS B 186 7.63 26.47 -26.22
N GLY B 187 7.74 27.02 -25.01
CA GLY B 187 6.80 28.02 -24.50
C GLY B 187 5.46 27.52 -24.02
N ASN B 188 5.17 26.25 -24.22
CA ASN B 188 3.83 25.76 -23.94
C ASN B 188 3.79 24.56 -22.97
N PHE B 189 4.78 24.45 -22.09
CA PHE B 189 4.74 23.38 -21.07
C PHE B 189 3.77 23.77 -19.96
N LYS B 190 2.89 22.82 -19.62
CA LYS B 190 1.86 23.03 -18.60
C LYS B 190 2.20 22.35 -17.27
N ALA B 191 2.93 21.25 -17.35
CA ALA B 191 3.44 20.55 -16.17
C ALA B 191 4.93 20.27 -16.35
N PHE B 192 5.64 20.18 -15.24
CA PHE B 192 7.08 19.97 -15.27
C PHE B 192 7.43 19.06 -14.08
N LEU B 193 7.77 17.81 -14.36
CA LEU B 193 8.01 16.85 -13.29
C LEU B 193 9.46 16.42 -13.24
N SER B 194 10.11 16.63 -12.10
CA SER B 194 11.47 16.15 -11.89
C SER B 194 11.44 14.92 -11.00
N ILE B 195 12.13 13.87 -11.44
CA ILE B 195 12.06 12.59 -10.76
C ILE B 195 13.43 12.27 -10.17
N HIS B 196 13.41 12.04 -8.86
CA HIS B 196 14.59 11.81 -8.07
C HIS B 196 14.37 10.57 -7.21
N SER B 197 15.41 10.13 -6.53
CA SER B 197 15.26 9.24 -5.40
C SER B 197 16.32 9.60 -4.35
N TYR B 198 16.11 9.29 -3.08
CA TYR B 198 14.96 8.58 -2.56
C TYR B 198 14.35 9.36 -1.43
N SER B 199 13.18 8.91 -0.98
CA SER B 199 12.51 9.42 0.22
C SER B 199 11.04 9.03 0.25
N GLN B 200 10.44 8.84 -0.92
CA GLN B 200 9.01 8.61 -1.06
C GLN B 200 8.25 9.90 -0.71
N LEU B 201 8.49 10.92 -1.53
CA LEU B 201 7.91 12.25 -1.34
C LEU B 201 7.35 12.75 -2.67
N LEU B 202 6.34 13.60 -2.59
CA LEU B 202 5.90 14.37 -3.74
C LEU B 202 5.93 15.85 -3.37
N LEU B 203 6.74 16.61 -4.09
CA LEU B 203 7.11 17.94 -3.67
C LEU B 203 6.65 18.97 -4.68
N TYR B 204 6.25 20.14 -4.18
CA TYR B 204 6.01 21.30 -5.00
C TYR B 204 6.91 22.44 -4.49
N PRO B 205 7.01 23.54 -5.27
CA PRO B 205 7.89 24.63 -4.85
C PRO B 205 7.43 25.28 -3.54
N TYR B 206 8.31 26.02 -2.86
CA TYR B 206 9.69 26.26 -3.26
C TYR B 206 10.66 25.46 -2.42
N GLY B 207 11.85 25.23 -2.96
CA GLY B 207 12.97 24.76 -2.16
C GLY B 207 13.84 25.90 -1.64
N TYR B 208 13.89 27.01 -2.37
CA TYR B 208 14.86 28.04 -2.04
C TYR B 208 14.38 29.02 -0.98
N THR B 209 13.07 29.09 -0.78
CA THR B 209 12.44 30.08 0.10
C THR B 209 11.28 29.47 0.87
N THR B 210 11.04 29.99 2.08
CA THR B 210 9.92 29.58 2.94
C THR B 210 8.62 30.27 2.52
N GLN B 211 8.72 31.21 1.58
CA GLN B 211 7.56 31.85 0.98
C GLN B 211 6.68 30.80 0.29
N SER B 212 5.38 30.89 0.55
CA SER B 212 4.39 30.02 -0.08
C SER B 212 4.08 30.44 -1.51
N ILE B 213 3.98 29.46 -2.40
CA ILE B 213 3.59 29.73 -3.76
C ILE B 213 2.12 30.17 -3.80
N PRO B 214 1.77 31.06 -4.73
CA PRO B 214 0.36 31.46 -4.89
C PRO B 214 -0.61 30.31 -5.18
N ASP B 215 -0.11 29.22 -5.75
CA ASP B 215 -0.95 28.07 -6.08
C ASP B 215 -0.84 26.94 -5.05
N LYS B 216 -0.49 27.28 -3.80
CA LYS B 216 -0.24 26.26 -2.76
C LYS B 216 -1.43 25.32 -2.57
N THR B 217 -2.63 25.87 -2.44
CA THR B 217 -3.84 25.07 -2.19
C THR B 217 -4.08 24.05 -3.29
N GLU B 218 -4.01 24.50 -4.55
CA GLU B 218 -4.20 23.61 -5.68
C GLU B 218 -3.12 22.54 -5.79
N LEU B 219 -1.85 22.94 -5.71
CA LEU B 219 -0.75 21.99 -5.86
C LEU B 219 -0.75 20.98 -4.72
N ASN B 220 -1.09 21.46 -3.52
CA ASN B 220 -1.28 20.58 -2.37
C ASN B 220 -2.43 19.60 -2.57
N GLN B 221 -3.51 20.05 -3.21
CA GLN B 221 -4.62 19.16 -3.53
C GLN B 221 -4.23 18.12 -4.59
N VAL B 222 -3.53 18.56 -5.64
CA VAL B 222 -3.02 17.64 -6.69
C VAL B 222 -2.05 16.60 -6.10
N ALA B 223 -1.16 17.04 -5.21
CA ALA B 223 -0.17 16.16 -4.57
C ALA B 223 -0.87 15.14 -3.69
N LYS B 224 -1.85 15.60 -2.91
CA LYS B 224 -2.67 14.72 -2.10
C LYS B 224 -3.32 13.60 -2.93
N SER B 225 -3.97 13.96 -4.04
CA SER B 225 -4.55 12.96 -4.96
C SER B 225 -3.53 12.02 -5.57
N ALA B 226 -2.41 12.55 -6.06
CA ALA B 226 -1.43 11.73 -6.76
C ALA B 226 -0.83 10.72 -5.81
N VAL B 227 -0.59 11.17 -4.57
CA VAL B 227 -0.07 10.31 -3.52
C VAL B 227 -1.06 9.21 -3.15
N ALA B 228 -2.36 9.55 -3.10
CA ALA B 228 -3.42 8.56 -2.83
C ALA B 228 -3.47 7.50 -3.92
N ALA B 229 -3.38 7.94 -5.17
CA ALA B 229 -3.37 7.07 -6.34
C ALA B 229 -2.14 6.16 -6.38
N LEU B 230 -0.97 6.74 -6.13
CA LEU B 230 0.28 5.98 -5.98
C LEU B 230 0.14 4.90 -4.92
N LYS B 231 -0.26 5.33 -3.72
CA LYS B 231 -0.43 4.44 -2.57
C LYS B 231 -1.45 3.33 -2.80
N SER B 232 -2.48 3.60 -3.61
CA SER B 232 -3.58 2.64 -3.79
C SER B 232 -3.12 1.30 -4.35
N LEU B 233 -1.99 1.31 -5.07
CA LEU B 233 -1.53 0.11 -5.77
C LEU B 233 -0.92 -0.93 -4.82
N TYR B 234 0.19 -0.61 -4.17
CA TYR B 234 0.92 -1.57 -3.34
C TYR B 234 0.99 -1.14 -1.86
N GLY B 235 0.31 -0.06 -1.53
CA GLY B 235 0.32 0.45 -0.17
C GLY B 235 1.55 1.25 0.23
N THR B 236 2.26 1.81 -0.74
CA THR B 236 3.47 2.61 -0.48
C THR B 236 3.09 4.00 0.04
N SER B 237 3.60 4.35 1.21
CA SER B 237 3.35 5.68 1.78
C SER B 237 4.30 6.75 1.25
N TYR B 238 3.69 7.84 0.76
CA TYR B 238 4.39 9.07 0.41
C TYR B 238 3.93 10.23 1.30
N LYS B 239 4.81 11.21 1.48
CA LYS B 239 4.43 12.48 2.07
C LYS B 239 4.56 13.54 1.00
N TYR B 240 3.93 14.69 1.19
CA TYR B 240 3.90 15.73 0.17
C TYR B 240 3.89 17.09 0.84
N GLY B 241 4.30 18.11 0.11
CA GLY B 241 4.40 19.47 0.66
C GLY B 241 5.48 20.19 -0.11
N SER B 242 5.75 21.43 0.24
CA SER B 242 6.80 22.19 -0.44
C SER B 242 8.14 21.52 -0.18
N ILE B 243 9.06 21.65 -1.13
CA ILE B 243 10.42 21.12 -0.97
C ILE B 243 11.05 21.52 0.37
N ILE B 244 11.01 22.83 0.68
CA ILE B 244 11.73 23.37 1.83
C ILE B 244 11.21 22.82 3.16
N THR B 245 9.92 22.49 3.22
CA THR B 245 9.31 22.01 4.44
C THR B 245 9.32 20.47 4.55
N THR B 246 9.50 19.79 3.42
CA THR B 246 9.31 18.34 3.38
C THR B 246 10.59 17.49 3.20
N ILE B 247 11.64 18.04 2.58
CA ILE B 247 12.99 17.43 2.67
C ILE B 247 13.95 18.42 3.32
N TYR B 248 14.29 19.47 2.59
CA TYR B 248 15.24 20.48 3.04
C TYR B 248 15.30 21.65 2.08
N GLN B 249 15.98 22.72 2.49
CA GLN B 249 16.23 23.86 1.62
C GLN B 249 17.15 23.44 0.47
N ALA B 250 16.75 23.82 -0.75
CA ALA B 250 17.47 23.48 -1.97
C ALA B 250 17.25 24.63 -2.95
N SER B 251 18.31 25.34 -3.29
CA SER B 251 18.17 26.55 -4.09
C SER B 251 18.68 26.25 -5.49
N GLY B 252 18.13 26.93 -6.50
CA GLY B 252 18.54 26.68 -7.88
C GLY B 252 18.03 25.36 -8.43
N GLY B 253 16.88 24.90 -7.92
CA GLY B 253 16.31 23.62 -8.31
C GLY B 253 15.38 23.80 -9.49
N SER B 254 15.11 22.68 -10.18
CA SER B 254 14.37 22.69 -11.43
C SER B 254 12.94 23.15 -11.30
N ILE B 255 12.21 22.66 -10.31
CA ILE B 255 10.78 22.98 -10.24
C ILE B 255 10.49 24.38 -9.71
N ASP B 256 11.43 24.94 -8.95
CA ASP B 256 11.37 26.34 -8.58
C ASP B 256 11.52 27.18 -9.85
N TRP B 257 12.51 26.81 -10.66
CA TRP B 257 12.74 27.43 -11.97
C TRP B 257 11.50 27.29 -12.84
N SER B 258 11.02 26.06 -13.02
CA SER B 258 9.88 25.81 -13.92
C SER B 258 8.66 26.59 -13.45
N TYR B 259 8.43 26.56 -12.13
CA TYR B 259 7.28 27.26 -11.59
C TYR B 259 7.34 28.77 -11.83
N ASN B 260 8.51 29.37 -11.65
CA ASN B 260 8.69 30.83 -11.83
C ASN B 260 8.60 31.26 -13.29
N GLN B 261 8.77 30.30 -14.19
CA GLN B 261 8.51 30.48 -15.63
C GLN B 261 7.02 30.49 -15.95
N GLY B 262 6.20 30.07 -14.99
CA GLY B 262 4.76 30.07 -15.16
C GLY B 262 4.23 28.69 -15.39
N ILE B 263 5.07 27.67 -15.22
CA ILE B 263 4.63 26.28 -15.37
C ILE B 263 4.06 25.86 -14.02
N LYS B 264 2.75 26.01 -13.90
CA LYS B 264 2.05 25.87 -12.63
C LYS B 264 2.21 24.47 -12.00
N TYR B 265 2.01 23.44 -12.80
CA TYR B 265 2.02 22.07 -12.28
C TYR B 265 3.42 21.54 -12.20
N SER B 266 4.20 22.14 -11.30
CA SER B 266 5.62 21.81 -11.15
C SER B 266 5.82 20.97 -9.91
N PHE B 267 6.31 19.75 -10.08
CA PHE B 267 6.44 18.78 -8.98
C PHE B 267 7.75 18.01 -9.04
N THR B 268 8.27 17.66 -7.87
CA THR B 268 9.42 16.77 -7.77
C THR B 268 9.02 15.52 -7.02
N PHE B 269 9.21 14.36 -7.65
CA PHE B 269 9.04 13.05 -6.99
C PHE B 269 10.36 12.63 -6.37
N GLU B 270 10.30 12.16 -5.12
CA GLU B 270 11.37 11.35 -4.58
C GLU B 270 10.86 9.94 -4.51
N LEU B 271 11.46 9.03 -5.27
CA LEU B 271 10.93 7.66 -5.35
C LEU B 271 11.42 6.81 -4.17
N ARG B 272 11.18 5.50 -4.25
CA ARG B 272 11.60 4.54 -3.23
C ARG B 272 13.13 4.55 -3.05
N ASP B 273 13.64 4.23 -1.86
CA ASP B 273 12.82 3.90 -0.68
C ASP B 273 12.90 5.00 0.38
N THR B 274 13.04 4.64 1.64
CA THR B 274 13.30 5.66 2.66
C THR B 274 14.66 5.50 3.32
N GLY B 275 15.57 4.75 2.71
CA GLY B 275 16.91 4.59 3.26
C GLY B 275 17.47 3.21 3.50
N ARG B 276 16.64 2.15 3.49
CA ARG B 276 17.18 0.80 3.71
C ARG B 276 18.20 0.53 2.61
N TYR B 277 17.74 0.54 1.37
CA TYR B 277 18.61 0.38 0.20
C TYR B 277 19.05 1.68 -0.41
N GLY B 278 18.23 2.72 -0.22
CA GLY B 278 18.56 4.05 -0.72
C GLY B 278 18.76 4.04 -2.22
N PHE B 279 19.92 4.54 -2.67
CA PHE B 279 20.25 4.61 -4.10
C PHE B 279 20.47 3.25 -4.73
N LEU B 280 20.81 2.28 -3.88
CA LEU B 280 21.09 0.90 -4.28
C LEU B 280 19.83 0.03 -4.16
N LEU B 281 18.68 0.64 -4.42
CA LEU B 281 17.39 -0.06 -4.46
C LEU B 281 17.52 -1.28 -5.39
N PRO B 282 17.06 -2.46 -4.95
CA PRO B 282 17.18 -3.66 -5.81
C PRO B 282 16.42 -3.58 -7.13
N ALA B 283 16.96 -4.22 -8.16
CA ALA B 283 16.33 -4.29 -9.48
C ALA B 283 14.91 -4.87 -9.40
N SER B 284 14.66 -5.75 -8.44
CA SER B 284 13.34 -6.37 -8.32
C SER B 284 12.24 -5.35 -7.94
N GLN B 285 12.65 -4.18 -7.48
CA GLN B 285 11.70 -3.13 -7.12
C GLN B 285 11.54 -2.06 -8.20
N ILE B 286 12.24 -2.24 -9.32
CA ILE B 286 12.08 -1.31 -10.45
C ILE B 286 10.62 -1.24 -10.89
N ILE B 287 10.09 -2.37 -11.35
CA ILE B 287 8.73 -2.47 -11.91
C ILE B 287 7.66 -1.96 -10.91
N PRO B 288 7.65 -2.49 -9.67
CA PRO B 288 6.65 -1.98 -8.71
C PRO B 288 6.74 -0.48 -8.45
N THR B 289 7.96 0.06 -8.38
CA THR B 289 8.16 1.50 -8.20
C THR B 289 7.58 2.27 -9.39
N ALA B 290 7.91 1.83 -10.61
CA ALA B 290 7.46 2.49 -11.83
C ALA B 290 5.95 2.42 -12.01
N GLN B 291 5.37 1.26 -11.72
CA GLN B 291 3.93 1.04 -11.78
C GLN B 291 3.16 1.97 -10.86
N GLU B 292 3.59 2.09 -9.59
CA GLU B 292 2.86 2.93 -8.62
C GLU B 292 3.08 4.43 -8.89
N THR B 293 4.29 4.80 -9.30
CA THR B 293 4.65 6.18 -9.60
C THR B 293 3.86 6.61 -10.81
N TRP B 294 3.68 5.70 -11.77
CA TRP B 294 2.87 5.96 -12.95
C TRP B 294 1.47 6.46 -12.56
N LEU B 295 0.83 5.77 -11.62
CA LEU B 295 -0.48 6.20 -11.11
C LEU B 295 -0.49 7.63 -10.59
N GLY B 296 0.57 8.00 -9.88
CA GLY B 296 0.74 9.38 -9.35
C GLY B 296 1.00 10.38 -10.47
N VAL B 297 1.88 10.01 -11.40
CA VAL B 297 2.19 10.86 -12.54
C VAL B 297 0.93 11.06 -13.41
N LEU B 298 0.23 9.98 -13.72
CA LEU B 298 -1.04 10.04 -14.45
C LEU B 298 -2.06 10.97 -13.77
N THR B 299 -2.24 10.82 -12.46
CA THR B 299 -3.11 11.68 -11.68
C THR B 299 -2.80 13.17 -11.90
N ILE B 300 -1.51 13.53 -11.85
CA ILE B 300 -1.10 14.90 -12.10
C ILE B 300 -1.43 15.33 -13.54
N MET B 301 -1.18 14.45 -14.50
CA MET B 301 -1.45 14.72 -15.93
C MET B 301 -2.92 14.95 -16.19
N GLU B 302 -3.78 14.16 -15.54
CA GLU B 302 -5.23 14.33 -15.64
C GLU B 302 -5.64 15.70 -15.12
N HIS B 303 -5.03 16.13 -14.01
CA HIS B 303 -5.34 17.44 -13.44
C HIS B 303 -4.86 18.56 -14.35
N THR B 304 -3.79 18.30 -15.08
CA THR B 304 -3.23 19.25 -16.04
C THR B 304 -4.19 19.45 -17.21
N VAL B 305 -4.70 18.34 -17.76
CA VAL B 305 -5.52 18.38 -18.98
C VAL B 305 -6.84 19.12 -18.75
N PRO C 5 -13.33 16.18 22.70
CA PRO C 5 -12.49 14.97 22.75
C PRO C 5 -12.87 13.99 21.64
N ASP C 6 -11.88 13.36 21.04
CA ASP C 6 -12.12 12.44 19.93
C ASP C 6 -12.26 11.00 20.43
N GLU C 7 -13.42 10.41 20.20
CA GLU C 7 -13.67 9.03 20.57
C GLU C 7 -13.73 8.14 19.34
N SER C 8 -13.19 6.92 19.45
CA SER C 8 -13.18 6.02 18.31
C SER C 8 -13.88 4.68 18.58
N PHE C 9 -14.39 4.10 17.51
CA PHE C 9 -15.27 2.95 17.60
C PHE C 9 -14.96 2.01 16.45
N LEU C 10 -15.08 0.71 16.70
CA LEU C 10 -15.26 -0.27 15.63
C LEU C 10 -16.69 -0.80 15.61
N CYS C 11 -17.34 -0.65 14.46
CA CYS C 11 -18.69 -1.11 14.19
C CYS C 11 -18.70 -2.37 13.32
N TYR C 12 -19.11 -3.48 13.91
CA TYR C 12 -19.09 -4.76 13.23
C TYR C 12 -20.45 -5.02 12.59
N GLN C 13 -20.43 -5.09 11.26
CA GLN C 13 -21.60 -5.32 10.45
C GLN C 13 -21.51 -6.74 9.87
N PRO C 14 -22.61 -7.26 9.28
CA PRO C 14 -22.54 -8.61 8.72
C PRO C 14 -21.44 -8.87 7.70
N ASP C 15 -21.10 -7.86 6.89
CA ASP C 15 -20.20 -8.05 5.74
C ASP C 15 -18.89 -7.28 5.86
N GLN C 16 -18.83 -6.35 6.82
CA GLN C 16 -17.69 -5.44 6.95
C GLN C 16 -17.53 -4.91 8.37
N VAL C 17 -16.36 -4.34 8.63
CA VAL C 17 -16.09 -3.56 9.84
C VAL C 17 -15.87 -2.10 9.41
N CYS C 18 -16.48 -1.17 10.13
CA CYS C 18 -16.33 0.26 9.91
C CYS C 18 -15.78 0.95 11.15
N ALA C 19 -14.71 1.72 10.95
CA ALA C 19 -14.14 2.53 12.01
C ALA C 19 -14.86 3.86 12.05
N PHE C 20 -15.04 4.37 13.26
CA PHE C 20 -15.55 5.71 13.46
C PHE C 20 -14.65 6.45 14.45
N ILE C 21 -14.27 7.66 14.09
CA ILE C 21 -13.66 8.59 15.03
C ILE C 21 -14.63 9.75 15.08
N CYS C 22 -15.07 10.11 16.29
CA CYS C 22 -16.22 11.01 16.45
C CYS C 22 -15.97 12.19 17.39
N ARG C 23 -16.54 13.34 17.04
CA ARG C 23 -16.53 14.50 17.93
C ARG C 23 -17.98 14.92 18.18
N GLY C 24 -18.36 14.94 19.45
CA GLY C 24 -19.71 15.32 19.87
C GLY C 24 -20.81 14.43 19.33
N ALA C 25 -20.47 13.16 19.10
CA ALA C 25 -21.38 12.16 18.50
C ALA C 25 -20.88 10.76 18.82
N ALA C 26 -21.69 9.77 18.49
CA ALA C 26 -21.28 8.38 18.52
C ALA C 26 -21.99 7.71 17.36
N PRO C 27 -21.44 6.58 16.87
CA PRO C 27 -22.10 5.92 15.73
C PRO C 27 -23.57 5.65 16.03
N LEU C 28 -24.43 5.85 15.02
CA LEU C 28 -25.86 5.60 15.13
C LEU C 28 -26.16 4.08 15.16
N PRO C 29 -27.37 3.70 15.64
CA PRO C 29 -27.68 2.26 15.70
C PRO C 29 -27.61 1.59 14.33
N SER C 30 -27.78 2.36 13.26
CA SER C 30 -27.69 1.82 11.91
C SER C 30 -26.28 1.39 11.51
N GLU C 31 -25.26 1.66 12.33
CA GLU C 31 -23.87 1.32 11.97
C GLU C 31 -23.47 -0.09 12.39
N GLY C 32 -24.36 -0.80 13.05
CA GLY C 32 -24.08 -2.14 13.52
C GLY C 32 -23.65 -2.20 14.97
N GLU C 33 -22.95 -3.28 15.32
CA GLU C 33 -22.49 -3.55 16.67
C GLU C 33 -21.21 -2.76 16.95
N CYS C 34 -21.38 -1.59 17.56
CA CYS C 34 -20.26 -0.66 17.76
C CYS C 34 -19.59 -0.76 19.11
N ASN C 35 -18.29 -1.02 19.09
CA ASN C 35 -17.49 -1.09 20.33
C ASN C 35 -16.52 0.09 20.36
N PRO C 36 -16.40 0.77 21.52
CA PRO C 36 -15.25 1.65 21.73
C PRO C 36 -13.97 0.86 21.53
N HIS C 37 -13.08 1.38 20.71
CA HIS C 37 -11.92 0.59 20.30
C HIS C 37 -10.85 1.54 19.80
N PRO C 38 -9.59 1.35 20.26
CA PRO C 38 -8.53 2.22 19.78
C PRO C 38 -8.44 2.14 18.26
N THR C 39 -8.04 3.24 17.66
CA THR C 39 -8.03 3.33 16.22
C THR C 39 -6.87 2.47 15.67
N ALA C 40 -7.15 1.65 14.66
CA ALA C 40 -6.14 0.80 13.99
C ALA C 40 -5.50 1.57 12.84
N PRO C 41 -4.30 1.12 12.37
CA PRO C 41 -3.69 1.81 11.23
C PRO C 41 -4.62 2.00 10.02
N TRP C 42 -5.32 0.95 9.58
CA TRP C 42 -6.21 1.05 8.41
C TRP C 42 -7.29 2.12 8.62
N ALA C 43 -7.80 2.20 9.85
CA ALA C 43 -8.82 3.19 10.24
C ALA C 43 -8.22 4.58 10.21
N ARG C 44 -7.08 4.72 10.88
CA ARG C 44 -6.34 5.98 10.96
C ARG C 44 -6.03 6.54 9.58
N GLU C 45 -5.70 5.65 8.64
CA GLU C 45 -5.36 6.04 7.28
C GLU C 45 -6.57 6.35 6.40
N GLY C 46 -7.65 5.60 6.57
CA GLY C 46 -8.83 5.73 5.72
C GLY C 46 -9.89 6.71 6.19
N ALA C 47 -10.05 6.86 7.50
CA ALA C 47 -11.07 7.75 8.07
C ALA C 47 -10.54 9.19 8.15
N VAL C 48 -10.55 9.87 7.02
CA VAL C 48 -9.91 11.18 6.92
C VAL C 48 -10.90 12.36 6.96
N GLU C 49 -12.07 12.17 6.34
CA GLU C 49 -13.00 13.25 6.06
C GLU C 49 -14.06 13.33 7.15
N TRP C 50 -14.13 14.47 7.84
CA TRP C 50 -15.18 14.72 8.82
C TRP C 50 -16.47 14.97 8.09
N VAL C 51 -17.55 14.35 8.56
CA VAL C 51 -18.88 14.65 8.02
C VAL C 51 -19.80 14.96 9.19
N PRO C 52 -20.77 15.88 8.98
CA PRO C 52 -21.71 16.13 10.07
C PRO C 52 -22.45 14.84 10.41
N TYR C 53 -22.56 14.55 11.70
CA TYR C 53 -23.06 13.25 12.15
C TYR C 53 -23.75 13.41 13.49
N SER C 54 -25.05 13.08 13.50
CA SER C 54 -25.89 13.34 14.67
C SER C 54 -25.71 14.82 15.00
N THR C 55 -25.47 15.17 16.27
CA THR C 55 -25.24 16.58 16.63
C THR C 55 -23.75 16.95 16.71
N GLY C 56 -22.92 16.19 16.01
CA GLY C 56 -21.49 16.45 15.96
C GLY C 56 -20.96 16.07 14.61
N GLN C 57 -19.87 15.29 14.62
CA GLN C 57 -19.22 14.87 13.37
C GLN C 57 -18.36 13.61 13.57
N CYS C 58 -18.26 12.79 12.53
CA CYS C 58 -17.38 11.62 12.54
C CYS C 58 -16.62 11.48 11.23
N ARG C 59 -15.49 10.78 11.29
CA ARG C 59 -14.81 10.32 10.10
C ARG C 59 -14.91 8.82 10.17
N THR C 60 -15.11 8.20 9.03
CA THR C 60 -15.37 6.78 9.00
C THR C 60 -14.68 6.15 7.79
N THR C 61 -14.36 4.88 7.93
CA THR C 61 -13.83 4.08 6.84
C THR C 61 -14.09 2.59 7.16
N CYS C 62 -14.27 1.77 6.13
CA CYS C 62 -14.59 0.35 6.33
C CYS C 62 -13.67 -0.61 5.57
N ILE C 63 -13.57 -1.84 6.08
CA ILE C 63 -12.95 -2.93 5.36
C ILE C 63 -13.86 -4.18 5.46
N PRO C 64 -13.80 -5.07 4.45
CA PRO C 64 -14.51 -6.34 4.63
C PRO C 64 -13.76 -7.21 5.64
N TYR C 65 -14.40 -8.28 6.11
CA TYR C 65 -13.67 -9.26 6.92
C TYR C 65 -12.63 -9.94 6.05
N VAL C 66 -11.42 -10.02 6.60
CA VAL C 66 -10.28 -10.47 5.82
C VAL C 66 -9.73 -11.77 6.42
N THR D 4 -36.65 0.74 0.31
CA THR D 4 -35.73 0.05 -0.60
C THR D 4 -34.29 0.54 -0.44
N PRO D 5 -33.47 -0.21 0.33
CA PRO D 5 -32.13 0.22 0.65
C PRO D 5 -31.08 -0.15 -0.41
N ASP D 6 -29.86 0.35 -0.20
CA ASP D 6 -28.75 0.17 -1.12
C ASP D 6 -28.08 -1.18 -0.95
N GLU D 7 -27.91 -1.90 -2.05
CA GLU D 7 -27.20 -3.16 -2.02
C GLU D 7 -25.90 -3.02 -2.82
N SER D 8 -24.78 -3.39 -2.20
CA SER D 8 -23.48 -3.28 -2.87
C SER D 8 -23.00 -4.63 -3.39
N PHE D 9 -22.30 -4.58 -4.53
CA PHE D 9 -21.79 -5.76 -5.22
C PHE D 9 -20.35 -5.52 -5.65
N LEU D 10 -19.62 -6.61 -5.90
CA LEU D 10 -18.30 -6.50 -6.48
C LEU D 10 -18.24 -7.43 -7.68
N CYS D 11 -17.93 -6.84 -8.83
CA CYS D 11 -17.86 -7.57 -10.09
C CYS D 11 -16.42 -7.66 -10.58
N TYR D 12 -16.00 -8.87 -10.96
CA TYR D 12 -14.69 -9.09 -11.56
C TYR D 12 -14.82 -9.14 -13.08
N ASP D 15 -10.59 -7.53 -17.14
CA ASP D 15 -10.09 -6.21 -17.52
C ASP D 15 -10.16 -5.20 -16.38
N GLN D 16 -11.16 -5.38 -15.50
CA GLN D 16 -11.45 -4.41 -14.44
C GLN D 16 -12.34 -4.97 -13.33
N VAL D 17 -12.48 -4.19 -12.27
CA VAL D 17 -13.32 -4.51 -11.13
C VAL D 17 -14.27 -3.33 -10.96
N CYS D 18 -15.56 -3.57 -10.77
CA CYS D 18 -16.51 -2.44 -10.63
C CYS D 18 -17.24 -2.38 -9.30
N PHE D 20 -20.51 -1.69 -7.78
CA PHE D 20 -21.97 -1.49 -7.91
C PHE D 20 -22.72 -1.26 -6.61
N ILE D 21 -23.51 -0.19 -6.57
CA ILE D 21 -24.44 0.06 -5.47
C ILE D 21 -25.86 0.23 -6.07
N CYS D 22 -26.76 -0.69 -5.73
CA CYS D 22 -28.08 -0.72 -6.36
C CYS D 22 -29.24 -0.53 -5.41
N ARG D 23 -30.33 -0.01 -5.96
CA ARG D 23 -31.55 0.23 -5.22
C ARG D 23 -32.69 -0.48 -5.95
N GLY D 24 -32.92 -1.75 -5.60
CA GLY D 24 -34.04 -2.52 -6.15
C GLY D 24 -33.69 -3.42 -7.33
N ALA D 25 -32.40 -3.50 -7.64
CA ALA D 25 -31.91 -4.32 -8.74
C ALA D 25 -30.55 -4.88 -8.39
N ALA D 26 -30.07 -5.81 -9.21
CA ALA D 26 -28.72 -6.34 -9.09
C ALA D 26 -28.02 -6.22 -10.44
N PRO D 27 -26.68 -6.07 -10.45
CA PRO D 27 -25.93 -6.10 -11.71
C PRO D 27 -26.08 -7.42 -12.46
N LEU D 28 -26.33 -7.35 -13.76
CA LEU D 28 -26.47 -8.53 -14.61
C LEU D 28 -25.09 -9.05 -15.03
N PRO D 29 -24.99 -10.32 -15.48
CA PRO D 29 -23.68 -10.91 -15.84
C PRO D 29 -22.76 -10.05 -16.74
N GLU D 31 -22.33 -7.51 -16.90
CA GLU D 31 -21.48 -6.70 -16.00
C GLU D 31 -20.32 -7.49 -15.34
N GLY D 32 -20.27 -8.79 -15.59
CA GLY D 32 -19.16 -9.62 -15.12
C GLY D 32 -19.57 -10.73 -14.17
N GLU D 33 -18.61 -11.19 -13.37
CA GLU D 33 -18.87 -12.16 -12.32
C GLU D 33 -19.13 -11.38 -11.03
N CYS D 34 -20.41 -11.21 -10.70
CA CYS D 34 -20.83 -10.33 -9.62
C CYS D 34 -21.37 -11.08 -8.43
N ASN D 35 -21.09 -10.54 -7.25
CA ASN D 35 -21.56 -11.11 -5.99
C ASN D 35 -21.77 -9.99 -5.01
N PRO D 36 -22.75 -10.14 -4.09
CA PRO D 36 -22.89 -9.13 -3.05
C PRO D 36 -21.59 -9.05 -2.22
N HIS D 37 -21.17 -7.82 -1.92
CA HIS D 37 -19.90 -7.56 -1.26
C HIS D 37 -19.95 -6.11 -0.77
N PRO D 38 -19.26 -5.80 0.35
CA PRO D 38 -19.23 -4.42 0.80
C PRO D 38 -18.66 -3.50 -0.28
N THR D 39 -19.06 -2.23 -0.28
CA THR D 39 -18.53 -1.27 -1.24
C THR D 39 -17.00 -1.24 -1.16
N ALA D 40 -16.35 -1.54 -2.28
CA ALA D 40 -14.88 -1.48 -2.39
C ALA D 40 -14.32 -0.12 -1.93
N PRO D 41 -13.11 -0.12 -1.32
CA PRO D 41 -12.56 1.09 -0.68
C PRO D 41 -12.36 2.26 -1.64
N TRP D 42 -12.07 1.93 -2.90
CA TRP D 42 -11.87 2.93 -3.93
C TRP D 42 -13.18 3.36 -4.59
N ALA D 43 -14.29 3.29 -3.86
CA ALA D 43 -15.58 3.65 -4.44
C ALA D 43 -16.46 4.41 -3.47
N SER D 54 -2.40 -1.27 -13.05
CA SER D 54 -3.09 -1.79 -14.28
C SER D 54 -4.28 -2.66 -13.91
N THR D 55 -5.31 -2.66 -14.79
CA THR D 55 -6.65 -3.21 -14.48
C THR D 55 -7.45 -2.15 -13.71
N GLY D 56 -8.32 -1.42 -14.43
CA GLY D 56 -9.02 -0.25 -13.87
C GLY D 56 -10.18 -0.59 -12.94
N GLN D 57 -11.00 0.42 -12.66
CA GLN D 57 -12.04 0.34 -11.62
C GLN D 57 -13.30 1.20 -11.85
N CYS D 58 -14.45 0.54 -12.05
CA CYS D 58 -15.76 1.22 -12.22
C CYS D 58 -16.45 1.57 -10.90
N ARG D 59 -16.97 2.78 -10.81
CA ARG D 59 -17.95 3.11 -9.78
C ARG D 59 -19.35 3.32 -10.43
N THR D 60 -20.15 2.26 -10.46
CA THR D 60 -21.50 2.28 -11.08
C THR D 60 -22.67 2.32 -10.04
N THR D 61 -23.91 2.52 -10.51
CA THR D 61 -25.07 2.71 -9.61
C THR D 61 -26.45 2.38 -10.22
N CYS D 62 -27.17 1.43 -9.60
CA CYS D 62 -28.57 1.11 -9.97
C CYS D 62 -29.59 1.89 -9.12
N ILE D 63 -30.84 2.03 -9.57
CA ILE D 63 -31.30 1.65 -10.92
C ILE D 63 -31.10 2.85 -11.84
N ASP E 6 10.10 23.18 20.44
CA ASP E 6 11.37 22.40 20.51
C ASP E 6 12.34 22.85 19.40
N GLU E 7 13.52 23.35 19.82
CA GLU E 7 14.54 23.92 18.93
C GLU E 7 15.09 22.92 17.91
N SER E 8 14.87 23.20 16.62
CA SER E 8 15.30 22.30 15.54
C SER E 8 16.12 22.98 14.42
N PHE E 9 16.97 22.20 13.77
CA PHE E 9 17.96 22.70 12.81
C PHE E 9 18.09 21.72 11.65
N LEU E 10 18.45 22.23 10.49
CA LEU E 10 18.98 21.39 9.42
C LEU E 10 20.44 21.73 9.19
N CYS E 11 21.31 20.73 9.30
CA CYS E 11 22.73 20.95 9.15
C CYS E 11 23.19 20.37 7.83
N TYR E 12 23.69 21.27 6.99
CA TYR E 12 24.03 20.96 5.61
C TYR E 12 25.51 20.67 5.53
N GLN E 13 25.83 19.43 5.20
CA GLN E 13 27.22 19.01 5.12
C GLN E 13 27.53 18.74 3.66
N PRO E 14 28.81 18.51 3.32
CA PRO E 14 29.14 18.28 1.90
C PRO E 14 28.45 17.09 1.28
N ASP E 15 28.12 16.08 2.09
CA ASP E 15 27.59 14.78 1.61
C ASP E 15 26.17 14.46 2.11
N GLN E 16 25.72 15.18 3.13
CA GLN E 16 24.43 14.89 3.75
C GLN E 16 23.82 16.10 4.45
N VAL E 17 22.53 15.97 4.78
CA VAL E 17 21.82 16.93 5.61
C VAL E 17 21.43 16.18 6.88
N CYS E 18 21.81 16.73 8.04
CA CYS E 18 21.45 16.18 9.34
C CYS E 18 20.50 17.10 10.09
N ALA E 19 19.37 16.53 10.51
CA ALA E 19 18.39 17.26 11.34
C ALA E 19 18.72 17.13 12.82
N PHE E 20 18.57 18.23 13.55
CA PHE E 20 18.82 18.26 14.98
C PHE E 20 17.62 18.85 15.66
N ILE E 21 17.11 18.12 16.65
CA ILE E 21 16.10 18.60 17.57
C ILE E 21 16.76 18.54 18.92
N CYS E 22 16.94 19.69 19.55
CA CYS E 22 17.75 19.82 20.74
C CYS E 22 17.01 20.45 21.89
N ARG E 23 17.48 20.13 23.10
CA ARG E 23 17.00 20.74 24.34
C ARG E 23 18.20 21.14 25.17
N GLY E 24 18.33 22.44 25.41
CA GLY E 24 19.46 22.95 26.19
C GLY E 24 20.78 22.88 25.45
N ALA E 25 20.72 22.67 24.13
CA ALA E 25 21.91 22.66 23.29
C ALA E 25 21.52 23.10 21.88
N ALA E 26 22.54 23.30 21.06
CA ALA E 26 22.40 23.54 19.64
C ALA E 26 23.53 22.74 18.97
N PRO E 27 23.37 22.41 17.67
CA PRO E 27 24.41 21.70 16.95
C PRO E 27 25.74 22.44 17.03
N LEU E 28 26.80 21.70 17.29
CA LEU E 28 28.16 22.22 17.36
C LEU E 28 28.68 22.63 15.97
N PRO E 29 29.75 23.45 15.93
CA PRO E 29 30.33 23.82 14.63
C PRO E 29 30.71 22.61 13.77
N SER E 30 31.05 21.49 14.40
CA SER E 30 31.42 20.28 13.64
C SER E 30 30.29 19.64 12.84
N GLU E 31 29.06 20.14 13.00
CA GLU E 31 27.89 19.59 12.29
C GLU E 31 27.61 20.28 10.95
N GLY E 32 28.41 21.30 10.64
CA GLY E 32 28.35 21.93 9.34
C GLY E 32 27.53 23.17 9.36
N GLU E 33 26.97 23.50 8.19
CA GLU E 33 26.18 24.69 8.02
C GLU E 33 24.76 24.43 8.53
N CYS E 34 24.47 24.92 9.74
CA CYS E 34 23.23 24.61 10.45
C CYS E 34 22.27 25.78 10.41
N ASN E 35 21.06 25.54 9.89
CA ASN E 35 20.05 26.59 9.79
C ASN E 35 18.85 26.23 10.68
N PRO E 36 18.35 27.20 11.50
CA PRO E 36 17.10 26.98 12.22
C PRO E 36 16.04 26.66 11.19
N HIS E 37 15.28 25.60 11.42
CA HIS E 37 14.43 25.03 10.38
C HIS E 37 13.40 24.10 11.06
N PRO E 38 12.11 24.24 10.71
CA PRO E 38 11.12 23.33 11.30
C PRO E 38 11.43 21.92 10.87
N THR E 39 10.99 20.96 11.66
CA THR E 39 11.37 19.60 11.36
C THR E 39 10.54 19.07 10.17
N ALA E 40 11.21 18.39 9.23
CA ALA E 40 10.55 17.70 8.12
C ALA E 40 10.16 16.32 8.58
N PRO E 41 9.17 15.68 7.91
CA PRO E 41 8.74 14.35 8.31
C PRO E 41 9.85 13.30 8.43
N TRP E 42 10.80 13.28 7.50
CA TRP E 42 11.91 12.31 7.57
C TRP E 42 12.73 12.50 8.84
N ALA E 43 12.85 13.74 9.28
CA ALA E 43 13.61 14.08 10.48
C ALA E 43 12.88 13.57 11.74
N ARG E 44 11.57 13.72 11.77
CA ARG E 44 10.74 13.16 12.85
C ARG E 44 10.72 11.64 12.86
N GLU E 45 10.59 11.02 11.68
CA GLU E 45 10.67 9.56 11.54
C GLU E 45 12.00 9.03 12.08
N GLY E 46 13.10 9.72 11.72
CA GLY E 46 14.44 9.19 11.95
C GLY E 46 15.05 9.56 13.28
N ALA E 47 14.85 10.80 13.72
CA ALA E 47 15.50 11.31 14.94
C ALA E 47 14.78 10.84 16.19
N VAL E 48 14.97 9.59 16.58
CA VAL E 48 14.16 8.99 17.66
C VAL E 48 14.87 8.89 19.03
N GLU E 49 16.20 8.90 19.03
CA GLU E 49 16.95 8.64 20.24
C GLU E 49 17.67 9.89 20.72
N TRP E 50 17.32 10.37 21.92
CA TRP E 50 18.04 11.47 22.57
C TRP E 50 19.44 11.03 22.96
N VAL E 51 20.41 11.92 22.77
CA VAL E 51 21.79 11.65 23.16
C VAL E 51 22.31 12.86 23.94
N PRO E 52 23.21 12.62 24.91
CA PRO E 52 23.83 13.79 25.55
C PRO E 52 24.57 14.60 24.48
N TYR E 53 24.53 15.92 24.58
CA TYR E 53 25.09 16.76 23.54
C TYR E 53 25.36 18.14 24.09
N THR E 55 25.68 20.78 26.48
CA THR E 55 25.04 21.16 27.75
C THR E 55 23.60 20.60 27.94
N GLY E 56 23.06 19.94 26.92
CA GLY E 56 21.74 19.35 27.01
C GLY E 56 21.69 18.03 26.29
N GLN E 57 20.72 17.90 25.39
CA GLN E 57 20.58 16.70 24.58
C GLN E 57 19.95 17.01 23.22
N CYS E 58 20.27 16.19 22.23
CA CYS E 58 19.71 16.33 20.90
C CYS E 58 19.32 14.95 20.43
N ARG E 59 18.34 14.93 19.55
CA ARG E 59 18.11 13.75 18.74
C ARG E 59 18.35 14.19 17.29
N THR E 60 18.90 13.28 16.50
CA THR E 60 19.44 13.65 15.20
C THR E 60 19.28 12.52 14.23
N THR E 61 19.14 12.87 12.97
CA THR E 61 19.10 11.88 11.89
C THR E 61 19.52 12.55 10.58
N CYS E 62 20.14 11.76 9.70
CA CYS E 62 20.67 12.31 8.47
C CYS E 62 20.16 11.59 7.24
N ILE E 63 20.15 12.33 6.13
CA ILE E 63 19.97 11.77 4.80
C ILE E 63 21.01 12.32 3.84
N PRO E 64 21.46 11.48 2.88
CA PRO E 64 22.29 12.02 1.80
C PRO E 64 21.45 12.95 0.95
N TYR E 65 22.11 13.80 0.18
CA TYR E 65 21.40 14.62 -0.78
C TYR E 65 20.75 13.69 -1.77
N VAL E 66 19.46 13.94 -2.00
CA VAL E 66 18.62 13.04 -2.76
C VAL E 66 18.08 13.73 -4.01
N THR F 4 -24.84 12.92 7.60
CA THR F 4 -25.40 12.06 6.50
C THR F 4 -26.61 11.26 7.03
N PRO F 5 -26.38 10.28 7.97
CA PRO F 5 -27.44 9.32 8.26
C PRO F 5 -28.53 9.89 9.16
N ASP F 6 -29.71 9.26 9.10
CA ASP F 6 -30.87 9.71 9.88
C ASP F 6 -30.86 9.09 11.27
N GLU F 7 -31.14 9.92 12.26
CA GLU F 7 -31.25 9.46 13.63
C GLU F 7 -32.68 9.68 14.11
N SER F 8 -33.26 8.65 14.72
CA SER F 8 -34.61 8.73 15.22
C SER F 8 -34.63 9.04 16.72
N PHE F 9 -35.64 9.80 17.12
CA PHE F 9 -35.84 10.24 18.49
C PHE F 9 -37.29 10.07 18.84
N LEU F 10 -37.56 9.82 20.11
CA LEU F 10 -38.93 9.85 20.59
C LEU F 10 -39.01 10.86 21.73
N CYS F 11 -40.00 11.75 21.63
CA CYS F 11 -40.19 12.83 22.59
C CYS F 11 -41.47 12.67 23.39
N TYR F 12 -41.36 12.97 24.68
CA TYR F 12 -42.50 13.09 25.53
C TYR F 12 -42.78 14.58 25.84
N GLN F 13 -44.02 15.00 25.56
CA GLN F 13 -44.56 16.26 26.10
C GLN F 13 -45.87 15.93 26.79
N PRO F 14 -46.28 16.74 27.78
CA PRO F 14 -47.54 16.50 28.47
C PRO F 14 -48.74 16.27 27.55
N ASP F 15 -48.72 16.80 26.33
CA ASP F 15 -49.90 16.71 25.47
C ASP F 15 -49.73 15.92 24.16
N GLN F 16 -48.53 15.40 23.91
CA GLN F 16 -48.27 14.58 22.72
C GLN F 16 -46.95 13.82 22.81
N VAL F 17 -46.86 12.77 22.02
CA VAL F 17 -45.63 12.04 21.82
C VAL F 17 -45.22 12.34 20.39
N CYS F 18 -43.99 12.77 20.19
CA CYS F 18 -43.53 13.10 18.86
C CYS F 18 -42.36 12.23 18.48
N ALA F 19 -42.38 11.76 17.24
CA ALA F 19 -41.24 11.07 16.65
C ALA F 19 -40.50 12.05 15.74
N PHE F 20 -39.17 12.07 15.86
CA PHE F 20 -38.29 12.87 15.00
C PHE F 20 -37.33 11.94 14.28
N ILE F 21 -37.16 12.16 12.98
CA ILE F 21 -36.01 11.63 12.25
C ILE F 21 -35.20 12.84 11.84
N CYS F 22 -33.97 12.92 12.35
CA CYS F 22 -33.10 14.07 12.12
C CYS F 22 -31.82 13.70 11.38
N ARG F 23 -31.34 14.63 10.56
CA ARG F 23 -30.07 14.52 9.87
C ARG F 23 -29.19 15.72 10.26
N GLY F 24 -28.08 15.45 10.93
CA GLY F 24 -27.18 16.51 11.38
C GLY F 24 -27.76 17.41 12.45
N ALA F 25 -28.87 16.98 13.06
CA ALA F 25 -29.54 17.74 14.12
C ALA F 25 -30.23 16.81 15.13
N ALA F 26 -30.75 17.41 16.19
CA ALA F 26 -31.56 16.71 17.18
C ALA F 26 -32.70 17.65 17.60
N PRO F 27 -33.80 17.09 18.17
CA PRO F 27 -34.89 17.95 18.64
C PRO F 27 -34.39 18.95 19.69
N LEU F 28 -34.97 20.15 19.67
CA LEU F 28 -34.62 21.22 20.60
C LEU F 28 -35.15 20.88 21.97
N PRO F 29 -34.59 21.49 23.05
CA PRO F 29 -35.15 21.21 24.37
C PRO F 29 -36.66 21.50 24.47
N SER F 30 -37.14 22.45 23.66
CA SER F 30 -38.56 22.87 23.71
C SER F 30 -39.53 21.84 23.14
N GLU F 31 -38.98 20.76 22.59
CA GLU F 31 -39.78 19.74 21.91
C GLU F 31 -40.03 18.53 22.83
N GLY F 32 -39.58 18.66 24.07
CA GLY F 32 -39.92 17.72 25.13
C GLY F 32 -38.73 16.96 25.67
N GLU F 33 -39.01 15.91 26.43
CA GLU F 33 -38.01 14.95 26.80
C GLU F 33 -37.77 14.07 25.58
N CYS F 34 -36.75 14.42 24.81
CA CYS F 34 -36.45 13.72 23.58
C CYS F 34 -35.19 12.90 23.75
N ASN F 35 -35.26 11.65 23.31
CA ASN F 35 -34.13 10.76 23.45
C ASN F 35 -34.04 9.89 22.21
N PRO F 36 -32.81 9.47 21.85
CA PRO F 36 -32.70 8.54 20.73
C PRO F 36 -33.56 7.31 21.02
N HIS F 37 -34.29 6.84 20.00
CA HIS F 37 -35.21 5.71 20.13
C HIS F 37 -35.62 5.32 18.71
N PRO F 38 -35.89 4.00 18.44
CA PRO F 38 -36.42 3.63 17.13
C PRO F 38 -37.59 4.50 16.68
N THR F 39 -37.77 4.62 15.37
CA THR F 39 -38.91 5.33 14.82
C THR F 39 -40.21 4.67 15.31
N ALA F 40 -41.11 5.48 15.85
CA ALA F 40 -42.39 5.01 16.33
C ALA F 40 -43.14 4.36 15.14
N PRO F 41 -43.91 3.26 15.40
CA PRO F 41 -44.53 2.54 14.29
C PRO F 41 -45.50 3.39 13.45
N TRP F 42 -46.15 4.35 14.10
CA TRP F 42 -47.03 5.28 13.41
C TRP F 42 -46.32 6.46 12.74
N ALA F 43 -45.00 6.52 12.85
CA ALA F 43 -44.27 7.64 12.29
C ALA F 43 -43.77 7.29 10.91
N ARG F 44 -43.63 5.99 10.67
CA ARG F 44 -43.11 5.43 9.41
C ARG F 44 -44.09 5.57 8.24
N VAL F 48 -43.39 13.53 6.57
CA VAL F 48 -42.69 13.57 5.29
C VAL F 48 -41.89 14.86 5.07
N GLU F 49 -42.37 15.97 5.63
CA GLU F 49 -41.79 17.30 5.38
C GLU F 49 -40.60 17.66 6.29
N TRP F 50 -39.39 17.56 5.72
CA TRP F 50 -38.17 18.06 6.37
C TRP F 50 -38.28 19.57 6.48
N VAL F 51 -38.06 20.13 7.68
CA VAL F 51 -38.37 21.56 7.88
C VAL F 51 -37.20 22.58 8.06
N PRO F 52 -36.30 22.37 9.06
CA PRO F 52 -35.37 23.48 9.36
C PRO F 52 -34.22 23.59 8.36
N THR F 55 -28.61 23.23 12.79
CA THR F 55 -27.41 22.61 12.20
C THR F 55 -27.79 21.52 11.21
N GLY F 56 -29.08 21.31 11.01
CA GLY F 56 -29.50 20.29 10.08
C GLY F 56 -30.99 20.33 9.86
N GLN F 57 -31.59 19.14 9.81
CA GLN F 57 -33.02 19.04 9.57
C GLN F 57 -33.66 17.83 10.25
N CYS F 58 -34.87 18.04 10.77
CA CYS F 58 -35.67 16.97 11.37
C CYS F 58 -37.05 16.90 10.72
N ARG F 59 -37.51 15.71 10.38
CA ARG F 59 -38.94 15.50 10.12
C ARG F 59 -39.59 14.92 11.37
N THR F 60 -40.87 15.23 11.57
CA THR F 60 -41.55 14.88 12.80
C THR F 60 -43.05 14.64 12.63
N THR F 61 -43.57 13.65 13.36
CA THR F 61 -45.01 13.42 13.47
C THR F 61 -45.37 13.11 14.92
N CYS F 62 -46.54 13.58 15.33
CA CYS F 62 -46.99 13.45 16.71
C CYS F 62 -48.34 12.75 16.81
N ILE F 63 -48.62 12.17 17.98
CA ILE F 63 -49.94 11.67 18.33
C ILE F 63 -50.30 12.29 19.67
N PRO F 64 -51.57 12.68 19.86
CA PRO F 64 -51.93 13.35 21.11
C PRO F 64 -52.07 12.42 22.31
N TYR F 65 -51.93 13.00 23.50
CA TYR F 65 -52.42 12.42 24.73
C TYR F 65 -53.76 13.10 24.97
N VAL F 66 -54.58 12.52 25.85
CA VAL F 66 -55.82 13.16 26.28
C VAL F 66 -55.99 13.16 27.80
#